data_7PDB
#
_entry.id   7PDB
#
_cell.length_a   73.694
_cell.length_b   73.694
_cell.length_c   348.675
_cell.angle_alpha   90.000
_cell.angle_beta   90.000
_cell.angle_gamma   120.000
#
_symmetry.space_group_name_H-M   'P 65'
#
loop_
_entity.id
_entity.type
_entity.pdbx_description
1 polymer 'Acetylcholine-binding protein'
2 non-polymer Flupyradifurone
3 water water
#
_entity_poly.entity_id   1
_entity_poly.type   'polypeptide(L)'
_entity_poly.pdbx_seq_one_letter_code
;ADRADILYNIRQTSRPDVIPTQRDRPVAVSVSLKFINILEVNEITNEVDVVFWQRTTWSDRTLAWDSSHSPDQVSVPISS
LWVPDLAAYNAISKPEVLTPQLARVVSDGEVLYVPSIRQRFSCDVSGVDTESGATCRIKIGSWTHHSREISVDPTTENSD
DSEYFSQYSRFEILDVTQKKNSVTYSCCPEAYEDVEVSLNFRKKGRSEIL
;
_entity_poly.pdbx_strand_id   AaA,BaB,CaC,DaD,EaE
#
loop_
_chem_comp.id
_chem_comp.type
_chem_comp.name
_chem_comp.formula
7IE non-polymer Flupyradifurone 'C12 H11 Cl F2 N2 O2'
#
# COMPACT_ATOMS: atom_id res chain seq x y z
N ALA A 1 4.69 12.38 -37.36
CA ALA A 1 4.52 11.62 -36.07
C ALA A 1 3.61 12.40 -35.11
N ASP A 2 2.72 11.70 -34.40
CA ASP A 2 1.81 12.30 -33.38
C ASP A 2 2.31 11.88 -31.99
N ARG A 3 1.59 12.25 -30.96
CA ARG A 3 2.03 11.95 -29.58
C ARG A 3 2.11 10.44 -29.40
N ALA A 4 1.15 9.71 -29.95
CA ALA A 4 1.06 8.25 -29.80
C ALA A 4 2.35 7.62 -30.35
N ASP A 5 2.76 8.04 -31.53
CA ASP A 5 4.01 7.54 -32.17
C ASP A 5 5.21 7.88 -31.31
N ILE A 6 5.29 9.07 -30.73
CA ILE A 6 6.47 9.45 -29.90
C ILE A 6 6.50 8.56 -28.67
N LEU A 7 5.36 8.36 -28.03
CA LEU A 7 5.29 7.56 -26.81
C LEU A 7 5.58 6.08 -27.12
N TYR A 8 5.06 5.56 -28.23
CA TYR A 8 5.36 4.16 -28.64
C TYR A 8 6.88 4.00 -28.83
N ASN A 9 7.51 4.94 -29.51
CA ASN A 9 8.94 4.83 -29.82
C ASN A 9 9.77 4.90 -28.52
N ILE A 10 9.36 5.75 -27.60
CA ILE A 10 9.98 5.86 -26.26
C ILE A 10 9.88 4.50 -25.57
N ARG A 11 8.73 3.86 -25.59
CA ARG A 11 8.54 2.54 -24.96
C ARG A 11 9.47 1.50 -25.60
N GLN A 12 9.63 1.52 -26.92
CA GLN A 12 10.50 0.55 -27.59
C GLN A 12 11.97 0.83 -27.24
N THR A 13 12.37 2.08 -27.03
CA THR A 13 13.83 2.42 -27.01
C THR A 13 14.32 2.56 -25.57
N SER A 14 13.48 3.05 -24.67
CA SER A 14 13.87 3.34 -23.27
C SER A 14 14.19 2.04 -22.50
N ARG A 15 15.24 2.08 -21.70
CA ARG A 15 15.68 0.95 -20.85
C ARG A 15 15.64 1.46 -19.43
N PRO A 16 14.52 1.26 -18.72
CA PRO A 16 14.36 1.92 -17.43
C PRO A 16 15.41 1.50 -16.40
N ASP A 17 16.06 0.37 -16.60
CA ASP A 17 16.99 -0.18 -15.60
C ASP A 17 18.42 0.15 -15.99
N VAL A 18 18.64 0.84 -17.10
CA VAL A 18 20.02 1.09 -17.59
C VAL A 18 20.32 2.58 -17.50
N ILE A 19 21.33 2.92 -16.72
CA ILE A 19 21.80 4.33 -16.66
C ILE A 19 22.21 4.76 -18.06
N PRO A 20 21.70 5.88 -18.60
CA PRO A 20 22.06 6.27 -19.98
C PRO A 20 23.41 7.00 -20.08
N THR A 21 24.49 6.33 -19.64
CA THR A 21 25.85 6.90 -19.74
C THR A 21 26.14 7.03 -21.22
N GLN A 22 26.49 8.26 -21.62
CA GLN A 22 27.04 8.61 -22.93
C GLN A 22 28.55 8.38 -22.85
N ARG A 23 29.07 7.45 -23.67
CA ARG A 23 30.49 7.05 -23.64
C ARG A 23 30.82 6.48 -22.26
N ASP A 24 31.86 6.99 -21.60
CA ASP A 24 32.17 6.65 -20.20
C ASP A 24 31.95 7.85 -19.27
N ARG A 25 31.13 8.84 -19.66
CA ARG A 25 30.96 10.06 -18.83
C ARG A 25 29.80 9.83 -17.85
N PRO A 26 29.91 10.39 -16.63
CA PRO A 26 28.81 10.37 -15.68
C PRO A 26 27.59 11.02 -16.33
N VAL A 27 26.42 10.55 -15.97
CA VAL A 27 25.13 11.25 -16.25
C VAL A 27 25.02 12.43 -15.30
N ALA A 28 24.92 13.61 -15.91
CA ALA A 28 24.75 14.89 -15.20
C ALA A 28 23.27 15.04 -14.81
N VAL A 29 22.99 14.96 -13.51
CA VAL A 29 21.64 15.11 -12.93
C VAL A 29 21.58 16.46 -12.23
N SER A 30 20.63 17.26 -12.61
CA SER A 30 20.41 18.59 -12.00
C SER A 30 19.23 18.48 -11.02
N VAL A 31 19.45 18.87 -9.77
CA VAL A 31 18.40 18.80 -8.71
C VAL A 31 18.25 20.17 -8.08
N SER A 32 17.00 20.56 -7.86
CA SER A 32 16.60 21.87 -7.34
C SER A 32 15.34 21.71 -6.51
N LEU A 33 15.40 21.91 -5.19
CA LEU A 33 14.19 21.79 -4.33
C LEU A 33 13.52 23.14 -4.25
N LYS A 34 12.21 23.16 -4.39
CA LYS A 34 11.38 24.36 -4.08
C LYS A 34 10.50 23.96 -2.88
N PHE A 35 10.74 24.60 -1.76
CA PHE A 35 9.97 24.38 -0.52
C PHE A 35 8.58 24.97 -0.68
N ILE A 36 7.57 24.17 -0.37
CA ILE A 36 6.13 24.53 -0.42
C ILE A 36 5.57 24.69 0.96
N ASN A 37 5.91 23.83 1.88
CA ASN A 37 5.37 23.89 3.25
C ASN A 37 6.32 23.22 4.22
N ILE A 38 6.25 23.69 5.44
CA ILE A 38 6.92 23.13 6.62
C ILE A 38 5.78 22.85 7.60
N LEU A 39 5.50 21.57 7.86
CA LEU A 39 4.24 21.16 8.50
C LEU A 39 4.47 20.95 9.99
N GLU A 40 5.61 20.40 10.37
CA GLU A 40 5.84 19.94 11.75
C GLU A 40 7.32 20.12 11.97
N VAL A 41 7.64 20.71 13.10
CA VAL A 41 9.04 20.87 13.53
C VAL A 41 9.10 20.40 14.98
N ASN A 42 10.07 19.59 15.36
CA ASN A 42 10.22 19.18 16.78
C ASN A 42 11.64 19.56 17.23
N GLU A 43 11.75 20.56 18.11
CA GLU A 43 13.04 21.13 18.58
C GLU A 43 13.78 20.11 19.46
N ILE A 44 13.02 19.25 20.15
CA ILE A 44 13.60 18.24 21.05
C ILE A 44 14.14 17.06 20.25
N THR A 45 13.38 16.54 19.28
CA THR A 45 13.85 15.36 18.52
C THR A 45 14.66 15.81 17.31
N ASN A 46 14.64 17.09 16.95
CA ASN A 46 15.40 17.56 15.76
C ASN A 46 14.89 16.82 14.53
N GLU A 47 13.60 16.92 14.33
CA GLU A 47 12.86 16.38 13.16
C GLU A 47 12.01 17.48 12.58
N VAL A 48 11.93 17.46 11.25
CA VAL A 48 11.04 18.35 10.47
C VAL A 48 10.31 17.53 9.42
N ASP A 49 9.10 17.98 9.13
CA ASP A 49 8.19 17.38 8.15
C ASP A 49 7.96 18.46 7.10
N VAL A 50 8.41 18.24 5.88
CA VAL A 50 8.32 19.27 4.84
C VAL A 50 7.63 18.73 3.58
N VAL A 51 7.05 19.64 2.81
CA VAL A 51 6.63 19.41 1.40
C VAL A 51 7.55 20.23 0.51
N PHE A 52 8.12 19.59 -0.49
CA PHE A 52 8.89 20.29 -1.54
C PHE A 52 8.64 19.68 -2.92
N TRP A 53 8.80 20.54 -3.93
CA TRP A 53 8.78 20.16 -5.37
C TRP A 53 10.23 19.92 -5.80
N GLN A 54 10.57 18.70 -6.18
CA GLN A 54 11.97 18.34 -6.51
C GLN A 54 12.18 18.37 -8.02
N ARG A 55 12.65 19.49 -8.52
CA ARG A 55 12.87 19.65 -9.96
C ARG A 55 14.15 18.89 -10.32
N THR A 56 13.98 17.84 -11.10
CA THR A 56 15.06 16.89 -11.43
C THR A 56 15.16 16.84 -12.96
N THR A 57 16.36 17.05 -13.49
CA THR A 57 16.58 16.99 -14.97
C THR A 57 17.86 16.24 -15.26
N TRP A 58 17.86 15.64 -16.42
CA TRP A 58 19.01 14.89 -16.96
C TRP A 58 18.72 14.69 -18.44
N SER A 59 19.65 14.05 -19.08
CA SER A 59 19.60 13.86 -20.54
C SER A 59 19.70 12.35 -20.82
N ASP A 60 18.89 11.87 -21.74
CA ASP A 60 18.96 10.49 -22.29
C ASP A 60 18.78 10.62 -23.80
N ARG A 61 19.90 10.69 -24.51
CA ARG A 61 19.90 11.06 -25.95
C ARG A 61 19.31 9.92 -26.82
N THR A 62 19.24 8.68 -26.36
CA THR A 62 18.57 7.60 -27.14
C THR A 62 17.06 7.89 -27.29
N LEU A 63 16.49 8.80 -26.50
CA LEU A 63 15.02 9.07 -26.49
C LEU A 63 14.71 10.17 -27.49
N ALA A 64 15.74 10.74 -28.10
CA ALA A 64 15.61 11.91 -29.00
C ALA A 64 14.77 11.54 -30.23
N TRP A 65 14.07 12.52 -30.78
CA TRP A 65 13.36 12.35 -32.07
C TRP A 65 13.36 13.67 -32.84
N ASP A 66 13.10 13.55 -34.13
CA ASP A 66 12.93 14.70 -35.04
C ASP A 66 11.58 15.35 -34.76
N SER A 67 11.56 16.54 -34.18
CA SER A 67 10.34 17.30 -33.87
C SER A 67 10.15 18.49 -34.82
N SER A 68 10.77 18.49 -36.02
CA SER A 68 10.56 19.58 -37.00
C SER A 68 9.05 19.68 -37.34
N HIS A 69 8.38 18.53 -37.55
CA HIS A 69 6.94 18.43 -37.91
C HIS A 69 6.17 17.55 -36.91
N SER A 70 6.52 17.61 -35.62
CA SER A 70 5.82 16.86 -34.53
C SER A 70 6.00 17.57 -33.20
N PRO A 71 5.19 17.23 -32.18
CA PRO A 71 5.33 17.81 -30.85
C PRO A 71 6.75 17.62 -30.31
N ASP A 72 7.31 18.61 -29.63
CA ASP A 72 8.73 18.55 -29.19
C ASP A 72 8.83 18.13 -27.71
N GLN A 73 7.70 17.86 -27.05
CA GLN A 73 7.61 17.47 -25.63
C GLN A 73 6.41 16.55 -25.41
N VAL A 74 6.57 15.48 -24.62
CA VAL A 74 5.43 14.65 -24.18
C VAL A 74 5.60 14.35 -22.70
N SER A 75 4.49 14.04 -22.06
CA SER A 75 4.40 13.48 -20.70
C SER A 75 4.51 11.95 -20.76
N VAL A 76 5.32 11.36 -19.88
CA VAL A 76 5.59 9.90 -19.91
C VAL A 76 5.57 9.38 -18.47
N PRO A 77 4.93 8.24 -18.18
CA PRO A 77 5.03 7.64 -16.84
C PRO A 77 6.48 7.27 -16.52
N ILE A 78 6.93 7.57 -15.31
CA ILE A 78 8.35 7.33 -14.97
C ILE A 78 8.68 5.84 -15.04
N SER A 79 7.70 4.96 -14.92
CA SER A 79 7.98 3.49 -15.00
C SER A 79 8.46 3.15 -16.39
N SER A 80 8.24 4.00 -17.40
CA SER A 80 8.77 3.73 -18.75
C SER A 80 10.17 4.29 -18.97
N LEU A 81 10.77 4.98 -18.01
CA LEU A 81 12.06 5.68 -18.25
C LEU A 81 13.08 5.28 -17.19
N TRP A 82 14.34 5.45 -17.50
CA TRP A 82 15.34 5.43 -16.44
C TRP A 82 15.15 6.71 -15.64
N VAL A 83 15.23 6.61 -14.33
CA VAL A 83 15.18 7.75 -13.39
C VAL A 83 16.34 7.61 -12.43
N PRO A 84 17.05 8.69 -12.08
CA PRO A 84 18.12 8.59 -11.11
C PRO A 84 17.65 8.07 -9.74
N ASP A 85 18.47 7.25 -9.12
CA ASP A 85 18.14 6.57 -7.83
C ASP A 85 18.50 7.53 -6.69
N LEU A 86 17.92 8.72 -6.71
CA LEU A 86 18.23 9.74 -5.70
C LEU A 86 17.64 9.35 -4.35
N ALA A 87 18.35 9.67 -3.28
CA ALA A 87 17.83 9.48 -1.92
C ALA A 87 18.26 10.64 -1.05
N ALA A 88 17.43 10.95 -0.06
CA ALA A 88 17.78 11.92 0.99
C ALA A 88 18.51 11.16 2.08
N TYR A 89 19.78 11.44 2.30
CA TYR A 89 20.63 10.66 3.24
C TYR A 89 20.19 10.80 4.71
N ASN A 90 19.47 11.87 5.08
CA ASN A 90 19.05 12.11 6.47
C ASN A 90 17.52 12.00 6.57
N ALA A 91 16.87 11.35 5.62
CA ALA A 91 15.41 11.15 5.70
C ALA A 91 15.10 10.13 6.77
N ILE A 92 13.99 10.26 7.46
CA ILE A 92 13.58 9.23 8.42
C ILE A 92 12.18 8.72 8.06
N SER A 93 11.64 9.10 6.92
CA SER A 93 10.36 8.52 6.43
C SER A 93 10.51 8.30 4.94
N LYS A 94 9.68 7.47 4.39
CA LYS A 94 9.70 7.23 2.92
C LYS A 94 9.26 8.51 2.25
N PRO A 95 9.77 8.86 1.08
CA PRO A 95 9.22 10.00 0.36
C PRO A 95 7.79 9.65 -0.09
N GLU A 96 6.81 10.47 0.32
CA GLU A 96 5.40 10.37 -0.10
C GLU A 96 5.30 11.27 -1.35
N VAL A 97 5.19 10.72 -2.53
CA VAL A 97 4.99 11.48 -3.79
C VAL A 97 3.50 11.84 -3.90
N LEU A 98 3.18 13.12 -3.94
CA LEU A 98 1.80 13.63 -3.87
C LEU A 98 1.24 13.85 -5.27
N THR A 99 2.05 13.80 -6.31
CA THR A 99 1.65 14.22 -7.67
C THR A 99 1.69 13.02 -8.59
N PRO A 100 1.02 13.09 -9.76
CA PRO A 100 1.17 12.06 -10.77
C PRO A 100 2.64 11.83 -11.14
N GLN A 101 3.02 10.56 -11.23
CA GLN A 101 4.40 10.14 -11.44
C GLN A 101 4.68 10.14 -12.94
N LEU A 102 4.65 11.35 -13.52
CA LEU A 102 4.88 11.55 -14.95
C LEU A 102 6.08 12.46 -15.10
N ALA A 103 6.91 12.16 -16.06
CA ALA A 103 8.06 12.99 -16.48
C ALA A 103 7.70 13.65 -17.81
N ARG A 104 8.43 14.72 -18.16
CA ARG A 104 8.40 15.33 -19.49
C ARG A 104 9.68 14.96 -20.22
N VAL A 105 9.50 14.51 -21.43
CA VAL A 105 10.65 14.19 -22.31
C VAL A 105 10.60 15.17 -23.47
N VAL A 106 11.73 15.82 -23.67
CA VAL A 106 11.93 16.82 -24.75
C VAL A 106 12.57 16.10 -25.94
N SER A 107 12.30 16.57 -27.15
CA SER A 107 12.71 15.91 -28.42
C SER A 107 14.23 15.77 -28.53
N ASP A 108 15.01 16.58 -27.83
CA ASP A 108 16.50 16.50 -27.80
C ASP A 108 16.97 15.46 -26.76
N GLY A 109 16.07 14.78 -26.05
CA GLY A 109 16.42 13.72 -25.09
C GLY A 109 16.57 14.23 -23.66
N GLU A 110 16.19 15.48 -23.38
CA GLU A 110 16.20 16.02 -22.01
C GLU A 110 14.96 15.47 -21.27
N VAL A 111 15.17 15.07 -20.03
CA VAL A 111 14.07 14.51 -19.21
C VAL A 111 13.92 15.39 -17.97
N LEU A 112 12.68 15.65 -17.64
CA LEU A 112 12.32 16.52 -16.52
C LEU A 112 11.30 15.75 -15.67
N TYR A 113 11.57 15.65 -14.39
CA TYR A 113 10.66 15.02 -13.40
C TYR A 113 10.59 15.94 -12.18
N VAL A 114 9.37 16.30 -11.80
CA VAL A 114 9.13 17.23 -10.69
C VAL A 114 8.09 16.67 -9.74
N PRO A 115 8.46 15.65 -8.93
CA PRO A 115 7.52 15.16 -7.95
C PRO A 115 7.39 16.15 -6.80
N SER A 116 6.16 16.21 -6.28
CA SER A 116 5.87 16.85 -5.00
C SER A 116 6.07 15.82 -3.91
N ILE A 117 6.91 16.14 -2.97
CA ILE A 117 7.32 15.15 -1.96
C ILE A 117 7.05 15.72 -0.58
N ARG A 118 6.43 14.90 0.21
CA ARG A 118 6.29 15.11 1.66
C ARG A 118 7.16 14.10 2.35
N GLN A 119 8.06 14.59 3.20
CA GLN A 119 9.01 13.70 3.86
C GLN A 119 9.52 14.33 5.14
N ARG A 120 9.99 13.47 6.02
CA ARG A 120 10.44 13.81 7.37
C ARG A 120 11.96 13.64 7.44
N PHE A 121 12.65 14.62 8.03
CA PHE A 121 14.12 14.61 8.10
C PHE A 121 14.61 14.80 9.52
N SER A 122 15.79 14.26 9.75
CA SER A 122 16.60 14.41 10.97
C SER A 122 17.61 15.53 10.67
N CYS A 123 17.46 16.65 11.32
CA CYS A 123 18.34 17.80 11.05
C CYS A 123 18.31 18.80 12.21
N ASP A 124 19.16 19.81 12.10
CA ASP A 124 19.38 20.77 13.21
C ASP A 124 18.22 21.76 13.27
N VAL A 125 17.39 21.64 14.31
CA VAL A 125 16.19 22.51 14.47
C VAL A 125 16.47 23.59 15.53
N SER A 126 17.61 23.57 16.19
CA SER A 126 17.97 24.61 17.20
C SER A 126 17.90 26.01 16.57
N GLY A 127 17.33 26.94 17.31
CA GLY A 127 17.16 28.35 16.92
C GLY A 127 15.90 28.63 16.13
N VAL A 128 15.03 27.64 15.93
CA VAL A 128 13.81 27.80 15.08
C VAL A 128 12.89 28.88 15.65
N ASP A 129 12.84 29.04 16.97
CA ASP A 129 11.94 30.01 17.64
C ASP A 129 12.67 31.34 17.85
N THR A 130 13.85 31.51 17.26
CA THR A 130 14.62 32.78 17.34
C THR A 130 14.46 33.56 16.02
N GLU A 131 14.97 34.77 16.01
CA GLU A 131 14.91 35.69 14.85
C GLU A 131 15.86 35.20 13.75
N SER A 132 17.01 34.63 14.09
CA SER A 132 18.00 34.13 13.10
C SER A 132 17.55 32.78 12.52
N GLY A 133 16.72 32.04 13.26
CA GLY A 133 16.08 30.81 12.79
C GLY A 133 16.96 29.58 12.96
N ALA A 134 16.46 28.46 12.48
CA ALA A 134 17.22 27.19 12.40
C ALA A 134 17.79 27.08 10.99
N THR A 135 18.88 26.32 10.85
CA THR A 135 19.37 25.90 9.52
C THR A 135 19.31 24.38 9.47
N CYS A 136 18.37 23.85 8.70
CA CYS A 136 18.15 22.39 8.52
C CYS A 136 18.81 22.01 7.18
N ARG A 137 19.80 21.12 7.22
CA ARG A 137 20.53 20.65 6.00
C ARG A 137 19.89 19.34 5.53
N ILE A 138 19.49 19.30 4.26
CA ILE A 138 19.00 18.08 3.58
C ILE A 138 20.02 17.67 2.52
N LYS A 139 20.44 16.41 2.55
CA LYS A 139 21.41 15.88 1.58
C LYS A 139 20.73 14.90 0.62
N ILE A 140 20.80 15.20 -0.67
CA ILE A 140 20.17 14.38 -1.73
C ILE A 140 21.20 13.97 -2.75
N GLY A 141 21.40 12.66 -2.90
CA GLY A 141 22.31 12.15 -3.94
C GLY A 141 21.92 10.77 -4.40
N SER A 142 22.63 10.23 -5.39
CA SER A 142 22.48 8.84 -5.81
C SER A 142 22.78 7.92 -4.64
N TRP A 143 22.00 6.88 -4.50
CA TRP A 143 22.20 5.88 -3.43
C TRP A 143 23.27 4.89 -3.88
N THR A 144 23.26 4.47 -5.14
CA THR A 144 24.10 3.33 -5.60
C THR A 144 25.11 3.73 -6.67
N HIS A 145 25.02 4.92 -7.26
CA HIS A 145 25.91 5.31 -8.36
C HIS A 145 26.91 6.32 -7.84
N HIS A 146 28.19 5.95 -7.84
CA HIS A 146 29.28 6.88 -7.46
C HIS A 146 29.49 7.94 -8.55
N SER A 147 30.37 8.90 -8.24
CA SER A 147 30.66 10.15 -8.97
C SER A 147 31.08 9.93 -10.43
N ARG A 148 31.62 8.76 -10.76
CA ARG A 148 31.97 8.40 -12.16
C ARG A 148 30.75 7.94 -12.98
N GLU A 149 29.61 7.62 -12.36
CA GLU A 149 28.37 7.15 -13.07
C GLU A 149 27.29 8.24 -13.00
N ILE A 150 27.14 8.88 -11.84
CA ILE A 150 26.19 10.01 -11.70
C ILE A 150 26.87 11.21 -11.04
N SER A 151 26.75 12.34 -11.69
CA SER A 151 27.15 13.63 -11.08
C SER A 151 25.87 14.40 -10.77
N VAL A 152 25.88 15.07 -9.63
CA VAL A 152 24.70 15.86 -9.16
C VAL A 152 25.11 17.32 -9.15
N ASP A 153 24.28 18.17 -9.74
CA ASP A 153 24.52 19.64 -9.85
C ASP A 153 23.29 20.42 -9.41
N PRO A 154 23.39 21.35 -8.44
CA PRO A 154 22.23 22.16 -8.08
C PRO A 154 22.03 23.34 -9.04
N THR A 155 20.79 23.82 -9.14
CA THR A 155 20.36 25.05 -9.84
C THR A 155 19.85 26.04 -8.79
N SER A 162 9.95 31.58 -2.16
CA SER A 162 9.15 32.86 -2.04
C SER A 162 7.94 32.82 -2.98
N GLU A 163 8.18 32.47 -4.22
CA GLU A 163 7.14 32.27 -5.25
C GLU A 163 6.32 31.01 -4.94
N TYR A 164 6.92 30.03 -4.26
CA TYR A 164 6.33 28.67 -4.09
C TYR A 164 5.82 28.45 -2.67
N PHE A 165 6.47 29.01 -1.67
CA PHE A 165 6.22 28.69 -0.24
C PHE A 165 4.81 29.16 0.17
N SER A 166 4.08 28.29 0.83
CA SER A 166 2.70 28.57 1.30
C SER A 166 2.71 29.73 2.32
N GLN A 167 1.87 30.72 2.11
CA GLN A 167 1.71 31.84 3.06
C GLN A 167 1.01 31.36 4.34
N TYR A 168 0.51 30.13 4.39
CA TYR A 168 -0.34 29.64 5.49
C TYR A 168 0.46 28.77 6.46
N SER A 169 1.71 28.47 6.13
CA SER A 169 2.63 27.80 7.06
C SER A 169 2.74 28.63 8.36
N ARG A 170 2.89 27.96 9.49
CA ARG A 170 3.32 28.55 10.77
C ARG A 170 4.74 29.08 10.69
N PHE A 171 5.51 28.64 9.71
CA PHE A 171 6.94 28.99 9.54
C PHE A 171 7.08 29.92 8.35
N GLU A 172 8.23 30.60 8.31
CA GLU A 172 8.64 31.43 7.18
C GLU A 172 10.07 31.08 6.83
N ILE A 173 10.38 31.18 5.54
CA ILE A 173 11.72 30.89 5.02
C ILE A 173 12.52 32.18 4.99
N LEU A 174 13.68 32.18 5.62
CA LEU A 174 14.64 33.32 5.50
C LEU A 174 15.50 33.14 4.25
N ASP A 175 15.94 31.91 4.00
CA ASP A 175 16.93 31.65 2.92
C ASP A 175 17.05 30.16 2.61
N VAL A 176 17.21 29.84 1.33
CA VAL A 176 17.51 28.46 0.88
C VAL A 176 18.77 28.48 0.03
N THR A 177 19.76 27.71 0.43
CA THR A 177 21.01 27.61 -0.35
C THR A 177 21.25 26.17 -0.74
N GLN A 178 21.66 25.97 -1.98
CA GLN A 178 21.85 24.65 -2.60
C GLN A 178 23.28 24.62 -3.13
N LYS A 179 24.11 23.79 -2.53
CA LYS A 179 25.51 23.68 -2.96
C LYS A 179 25.89 22.22 -3.18
N LYS A 180 26.70 22.05 -4.20
CA LYS A 180 27.26 20.75 -4.58
C LYS A 180 28.04 20.21 -3.39
N ASN A 181 28.13 18.90 -3.28
CA ASN A 181 28.88 18.24 -2.19
C ASN A 181 29.15 16.80 -2.61
N SER A 182 29.96 16.09 -1.84
CA SER A 182 30.28 14.66 -2.09
C SER A 182 30.32 13.94 -0.73
N VAL A 183 29.84 12.72 -0.70
CA VAL A 183 29.74 11.90 0.53
C VAL A 183 30.64 10.67 0.37
N THR A 184 31.33 10.30 1.42
CA THR A 184 32.19 9.09 1.46
C THR A 184 32.11 8.50 2.87
N TYR A 185 32.11 7.17 2.96
CA TYR A 185 32.13 6.42 4.23
C TYR A 185 33.34 5.48 4.21
N SER A 186 33.79 5.07 5.40
CA SER A 186 35.04 4.31 5.63
C SER A 186 35.02 2.95 4.88
N CYS A 187 33.84 2.37 4.63
CA CYS A 187 33.63 1.07 3.92
C CYS A 187 33.86 1.11 2.42
N CYS A 188 33.26 2.10 1.79
CA CYS A 188 33.12 2.18 0.32
C CYS A 188 34.33 2.99 -0.17
N PRO A 189 35.04 2.54 -1.22
CA PRO A 189 36.19 3.31 -1.70
C PRO A 189 35.75 4.51 -2.53
N GLU A 190 34.53 4.47 -3.06
CA GLU A 190 34.01 5.46 -4.02
C GLU A 190 33.28 6.57 -3.27
N ALA A 191 33.10 7.69 -4.00
CA ALA A 191 32.45 8.91 -3.52
C ALA A 191 31.09 9.07 -4.21
N TYR A 192 30.10 9.49 -3.44
CA TYR A 192 28.71 9.70 -3.94
C TYR A 192 28.42 11.19 -3.93
N GLU A 193 28.12 11.77 -5.08
CA GLU A 193 27.88 13.22 -5.17
C GLU A 193 26.50 13.49 -4.61
N ASP A 194 26.36 14.62 -3.95
CA ASP A 194 25.02 15.04 -3.49
C ASP A 194 24.84 16.54 -3.66
N VAL A 195 23.59 16.97 -3.53
CA VAL A 195 23.27 18.38 -3.26
C VAL A 195 22.95 18.53 -1.78
N GLU A 196 23.54 19.57 -1.19
CA GLU A 196 23.29 19.98 0.20
C GLU A 196 22.36 21.19 0.16
N VAL A 197 21.17 21.02 0.71
CA VAL A 197 20.14 22.08 0.72
C VAL A 197 20.04 22.59 2.15
N SER A 198 20.41 23.86 2.34
CA SER A 198 20.36 24.53 3.65
C SER A 198 19.06 25.34 3.74
N LEU A 199 18.17 24.89 4.59
CA LEU A 199 16.86 25.57 4.78
C LEU A 199 16.99 26.39 6.08
N ASN A 200 17.12 27.70 5.90
CA ASN A 200 17.15 28.65 7.02
C ASN A 200 15.73 29.18 7.16
N PHE A 201 15.07 28.82 8.26
CA PHE A 201 13.64 29.15 8.46
C PHE A 201 13.39 29.43 9.94
N ARG A 202 12.22 29.97 10.25
CA ARG A 202 11.83 30.23 11.64
C ARG A 202 10.33 30.26 11.79
N LYS A 203 9.89 30.12 13.04
CA LYS A 203 8.46 30.25 13.38
C LYS A 203 8.10 31.72 13.19
N LYS A 204 6.89 31.98 12.69
CA LYS A 204 6.37 33.36 12.46
C LYS A 204 6.24 34.11 13.78
N ALA B 1 31.15 -5.11 -24.45
CA ALA B 1 29.80 -5.10 -23.80
C ALA B 1 29.61 -3.79 -23.02
N ASP B 2 28.41 -3.22 -23.07
CA ASP B 2 28.04 -1.97 -22.35
C ASP B 2 27.12 -2.36 -21.19
N ARG B 3 26.61 -1.38 -20.47
CA ARG B 3 25.79 -1.66 -19.27
C ARG B 3 24.54 -2.40 -19.70
N ALA B 4 23.95 -2.01 -20.82
CA ALA B 4 22.70 -2.61 -21.33
C ALA B 4 22.93 -4.11 -21.50
N ASP B 5 24.00 -4.48 -22.18
CA ASP B 5 24.36 -5.91 -22.41
C ASP B 5 24.55 -6.62 -21.07
N ILE B 6 25.22 -6.02 -20.10
CA ILE B 6 25.49 -6.71 -18.81
C ILE B 6 24.16 -6.96 -18.11
N LEU B 7 23.28 -5.95 -18.10
CA LEU B 7 21.97 -6.05 -17.43
C LEU B 7 21.10 -7.08 -18.16
N TYR B 8 21.12 -7.08 -19.48
CA TYR B 8 20.36 -8.09 -20.27
C TYR B 8 20.85 -9.51 -19.92
N ASN B 9 22.14 -9.72 -19.84
CA ASN B 9 22.70 -11.08 -19.58
C ASN B 9 22.36 -11.50 -18.15
N ILE B 10 22.40 -10.57 -17.21
CA ILE B 10 21.97 -10.83 -15.81
C ILE B 10 20.50 -11.27 -15.84
N ARG B 11 19.63 -10.58 -16.57
CA ARG B 11 18.20 -10.95 -16.67
C ARG B 11 18.04 -12.36 -17.26
N GLN B 12 18.81 -12.70 -18.28
CA GLN B 12 18.83 -14.02 -18.94
C GLN B 12 19.22 -15.10 -17.92
N THR B 13 20.19 -14.82 -17.05
CA THR B 13 20.88 -15.91 -16.31
C THR B 13 20.36 -15.99 -14.88
N SER B 14 19.99 -14.87 -14.30
CA SER B 14 19.59 -14.78 -12.88
C SER B 14 18.24 -15.47 -12.69
N ARG B 15 18.12 -16.19 -11.59
CA ARG B 15 16.90 -16.88 -11.17
C ARG B 15 16.58 -16.34 -9.81
N PRO B 16 15.72 -15.31 -9.72
CA PRO B 16 15.52 -14.62 -8.45
C PRO B 16 14.94 -15.54 -7.36
N ASP B 17 14.35 -16.66 -7.75
CA ASP B 17 13.68 -17.54 -6.78
C ASP B 17 14.60 -18.68 -6.38
N VAL B 18 15.82 -18.75 -6.93
CA VAL B 18 16.71 -19.91 -6.70
C VAL B 18 17.92 -19.45 -5.89
N ILE B 19 18.06 -20.03 -4.72
CA ILE B 19 19.24 -19.75 -3.88
C ILE B 19 20.49 -20.16 -4.66
N PRO B 20 21.51 -19.30 -4.80
CA PRO B 20 22.68 -19.67 -5.61
C PRO B 20 23.71 -20.57 -4.89
N THR B 21 23.28 -21.74 -4.42
CA THR B 21 24.17 -22.67 -3.69
C THR B 21 25.23 -23.16 -4.69
N GLN B 22 26.49 -22.93 -4.34
CA GLN B 22 27.70 -23.36 -5.07
C GLN B 22 28.11 -24.69 -4.42
N ARG B 23 28.26 -25.74 -5.22
CA ARG B 23 28.50 -27.13 -4.73
C ARG B 23 27.24 -27.55 -3.94
N ASP B 24 27.44 -28.09 -2.75
CA ASP B 24 26.36 -28.28 -1.74
C ASP B 24 26.61 -27.37 -0.53
N ARG B 25 27.28 -26.24 -0.72
CA ARG B 25 27.67 -25.34 0.39
C ARG B 25 26.55 -24.35 0.64
N PRO B 26 26.34 -23.95 1.92
CA PRO B 26 25.48 -22.83 2.23
C PRO B 26 25.97 -21.58 1.50
N VAL B 27 25.06 -20.72 1.11
CA VAL B 27 25.38 -19.34 0.66
C VAL B 27 25.75 -18.53 1.89
N ALA B 28 26.98 -18.04 1.91
CA ALA B 28 27.54 -17.17 2.95
C ALA B 28 27.02 -15.74 2.71
N VAL B 29 26.17 -15.28 3.62
CA VAL B 29 25.59 -13.91 3.59
C VAL B 29 26.24 -13.12 4.71
N SER B 30 26.81 -11.98 4.36
CA SER B 30 27.40 -11.08 5.37
C SER B 30 26.38 -9.95 5.64
N VAL B 31 26.07 -9.73 6.91
CA VAL B 31 25.13 -8.66 7.33
C VAL B 31 25.81 -7.76 8.34
N SER B 32 25.66 -6.46 8.17
CA SER B 32 26.30 -5.42 8.99
C SER B 32 25.33 -4.23 9.11
N LEU B 33 24.78 -3.97 10.29
CA LEU B 33 23.86 -2.83 10.48
C LEU B 33 24.69 -1.60 10.81
N LYS B 34 24.40 -0.47 10.16
CA LYS B 34 24.87 0.86 10.59
C LYS B 34 23.67 1.65 11.09
N PHE B 35 23.66 1.94 12.38
CA PHE B 35 22.56 2.72 13.00
C PHE B 35 22.66 4.19 12.62
N ILE B 36 21.57 4.75 12.09
CA ILE B 36 21.48 6.16 11.63
C ILE B 36 20.67 7.01 12.61
N ASN B 37 19.59 6.47 13.14
CA ASN B 37 18.74 7.25 14.06
C ASN B 37 17.92 6.29 14.92
N ILE B 38 17.60 6.78 16.10
CA ILE B 38 16.67 6.13 17.06
C ILE B 38 15.56 7.14 17.29
N LEU B 39 14.36 6.80 16.87
CA LEU B 39 13.26 7.79 16.69
C LEU B 39 12.29 7.78 17.86
N GLU B 40 11.96 6.64 18.39
CA GLU B 40 10.87 6.50 19.38
C GLU B 40 11.27 5.32 20.27
N VAL B 41 11.28 5.57 21.56
CA VAL B 41 11.66 4.54 22.56
C VAL B 41 10.57 4.53 23.62
N ASN B 42 10.02 3.38 23.95
CA ASN B 42 8.99 3.32 25.01
C ASN B 42 9.45 2.29 26.06
N GLU B 43 9.82 2.77 27.23
CA GLU B 43 10.42 1.97 28.33
C GLU B 43 9.35 1.11 28.98
N ILE B 44 8.10 1.54 28.92
CA ILE B 44 6.95 0.77 29.46
C ILE B 44 6.58 -0.40 28.54
N THR B 45 6.47 -0.18 27.23
CA THR B 45 6.10 -1.27 26.28
C THR B 45 7.35 -2.02 25.81
N ASN B 46 8.54 -1.52 26.05
CA ASN B 46 9.79 -2.17 25.57
C ASN B 46 9.77 -2.26 24.05
N GLU B 47 9.54 -1.11 23.42
CA GLU B 47 9.55 -0.96 21.96
C GLU B 47 10.50 0.18 21.58
N VAL B 48 11.15 -0.02 20.44
CA VAL B 48 12.00 1.02 19.82
C VAL B 48 11.72 1.03 18.31
N ASP B 49 11.84 2.22 17.78
CA ASP B 49 11.72 2.58 16.35
C ASP B 49 13.09 3.07 15.91
N VAL B 50 13.75 2.36 15.03
CA VAL B 50 15.10 2.76 14.57
C VAL B 50 15.16 2.85 13.05
N VAL B 51 16.10 3.67 12.57
CA VAL B 51 16.56 3.66 11.16
C VAL B 51 17.99 3.12 11.13
N PHE B 52 18.23 2.16 10.26
CA PHE B 52 19.57 1.61 10.05
C PHE B 52 19.78 1.23 8.58
N TRP B 53 21.03 1.31 8.16
CA TRP B 53 21.53 0.88 6.82
C TRP B 53 22.01 -0.56 6.95
N GLN B 54 21.39 -1.48 6.23
CA GLN B 54 21.70 -2.92 6.39
C GLN B 54 22.58 -3.36 5.24
N ARG B 55 23.87 -3.32 5.46
CA ARG B 55 24.85 -3.69 4.41
C ARG B 55 24.85 -5.21 4.31
N THR B 56 24.40 -5.69 3.15
CA THR B 56 24.16 -7.12 2.92
C THR B 56 24.97 -7.54 1.71
N THR B 57 25.75 -8.59 1.83
CA THR B 57 26.66 -9.01 0.74
C THR B 57 26.63 -10.54 0.65
N TRP B 58 26.77 -11.02 -0.59
CA TRP B 58 26.83 -12.46 -0.86
C TRP B 58 27.37 -12.60 -2.26
N SER B 59 27.52 -13.83 -2.68
CA SER B 59 28.15 -14.14 -3.97
C SER B 59 27.19 -15.01 -4.79
N ASP B 60 27.07 -14.74 -6.08
CA ASP B 60 26.24 -15.49 -7.05
C ASP B 60 27.06 -15.56 -8.34
N ARG B 61 27.80 -16.65 -8.49
CA ARG B 61 28.80 -16.84 -9.57
C ARG B 61 28.15 -16.91 -10.96
N THR B 62 26.89 -17.33 -11.07
CA THR B 62 26.21 -17.41 -12.38
C THR B 62 25.89 -15.99 -12.92
N LEU B 63 26.24 -14.92 -12.19
CA LEU B 63 26.01 -13.52 -12.68
C LEU B 63 27.29 -12.98 -13.28
N ALA B 64 28.39 -13.71 -13.13
CA ALA B 64 29.75 -13.22 -13.44
C ALA B 64 29.87 -12.91 -14.93
N TRP B 65 30.72 -11.95 -15.26
CA TRP B 65 31.02 -11.65 -16.68
C TRP B 65 32.48 -11.18 -16.80
N ASP B 66 32.96 -11.26 -18.03
CA ASP B 66 34.28 -10.76 -18.44
C ASP B 66 34.23 -9.23 -18.46
N SER B 67 34.88 -8.58 -17.51
CA SER B 67 34.95 -7.09 -17.42
C SER B 67 36.33 -6.57 -17.82
N SER B 68 37.15 -7.33 -18.57
CA SER B 68 38.48 -6.82 -19.01
C SER B 68 38.28 -5.55 -19.85
N HIS B 69 37.29 -5.55 -20.75
CA HIS B 69 36.95 -4.41 -21.65
C HIS B 69 35.50 -3.96 -21.49
N SER B 70 34.96 -3.99 -20.26
CA SER B 70 33.59 -3.52 -19.93
C SER B 70 33.50 -3.08 -18.49
N PRO B 71 32.44 -2.34 -18.09
CA PRO B 71 32.25 -1.95 -16.70
C PRO B 71 32.26 -3.17 -15.78
N ASP B 72 32.86 -3.07 -14.60
CA ASP B 72 33.02 -4.25 -13.70
C ASP B 72 31.95 -4.27 -12.61
N GLN B 73 31.04 -3.27 -12.62
CA GLN B 73 29.95 -3.10 -11.62
C GLN B 73 28.74 -2.48 -12.31
N VAL B 74 27.54 -2.96 -11.98
CA VAL B 74 26.29 -2.28 -12.39
C VAL B 74 25.34 -2.26 -11.21
N SER B 75 24.43 -1.31 -11.25
CA SER B 75 23.25 -1.25 -10.37
C SER B 75 22.12 -2.08 -11.00
N VAL B 76 21.43 -2.87 -10.18
CA VAL B 76 20.40 -3.82 -10.66
C VAL B 76 19.21 -3.77 -9.71
N PRO B 77 17.96 -3.70 -10.23
CA PRO B 77 16.80 -3.78 -9.35
C PRO B 77 16.74 -5.13 -8.64
N ILE B 78 16.46 -5.13 -7.35
CA ILE B 78 16.56 -6.40 -6.61
C ILE B 78 15.56 -7.45 -7.15
N SER B 79 14.51 -6.99 -7.81
CA SER B 79 13.49 -7.92 -8.37
C SER B 79 14.12 -8.76 -9.47
N SER B 80 15.31 -8.38 -9.94
CA SER B 80 15.95 -9.12 -11.06
C SER B 80 16.94 -10.19 -10.57
N LEU B 81 17.23 -10.27 -9.28
CA LEU B 81 18.18 -11.32 -8.85
C LEU B 81 17.73 -11.96 -7.54
N TRP B 82 18.45 -12.98 -7.11
CA TRP B 82 18.11 -13.63 -5.82
C TRP B 82 18.60 -12.73 -4.69
N VAL B 83 17.77 -12.56 -3.66
CA VAL B 83 18.12 -11.78 -2.46
C VAL B 83 17.80 -12.67 -1.27
N PRO B 84 18.65 -12.68 -0.23
CA PRO B 84 18.32 -13.47 0.94
C PRO B 84 17.02 -13.04 1.61
N ASP B 85 16.27 -14.00 2.10
CA ASP B 85 14.96 -13.79 2.77
C ASP B 85 15.22 -13.47 4.24
N LEU B 86 15.98 -12.42 4.50
CA LEU B 86 16.29 -12.00 5.88
C LEU B 86 15.05 -11.44 6.59
N ALA B 87 14.93 -11.74 7.87
CA ALA B 87 13.94 -11.14 8.75
C ALA B 87 14.55 -10.87 10.12
N ALA B 88 14.02 -9.86 10.76
CA ALA B 88 14.31 -9.54 12.15
C ALA B 88 13.33 -10.35 12.99
N TYR B 89 13.82 -11.26 13.81
CA TYR B 89 12.95 -12.21 14.56
C TYR B 89 12.11 -11.50 15.64
N ASN B 90 12.54 -10.35 16.13
CA ASN B 90 11.85 -9.61 17.22
C ASN B 90 11.27 -8.31 16.64
N ALA B 91 11.07 -8.21 15.32
CA ALA B 91 10.40 -7.06 14.70
C ALA B 91 8.94 -7.07 15.08
N ILE B 92 8.35 -5.90 15.27
CA ILE B 92 6.87 -5.85 15.44
C ILE B 92 6.25 -4.97 14.35
N SER B 93 7.01 -4.62 13.31
CA SER B 93 6.48 -3.88 12.14
C SER B 93 7.21 -4.41 10.94
N LYS B 94 6.63 -4.19 9.77
CA LYS B 94 7.27 -4.55 8.50
C LYS B 94 8.49 -3.67 8.34
N PRO B 95 9.57 -4.15 7.72
CA PRO B 95 10.68 -3.25 7.40
C PRO B 95 10.24 -2.25 6.33
N GLU B 96 10.37 -0.96 6.61
CA GLU B 96 10.03 0.14 5.65
C GLU B 96 11.35 0.47 4.96
N VAL B 97 11.51 0.11 3.71
CA VAL B 97 12.73 0.47 2.91
C VAL B 97 12.63 1.92 2.42
N LEU B 98 13.57 2.76 2.81
CA LEU B 98 13.52 4.22 2.54
C LEU B 98 14.29 4.57 1.27
N THR B 99 15.07 3.65 0.72
CA THR B 99 16.00 3.94 -0.38
C THR B 99 15.59 3.20 -1.64
N PRO B 100 16.08 3.60 -2.80
CA PRO B 100 15.88 2.83 -4.03
C PRO B 100 16.35 1.38 -3.90
N GLN B 101 15.52 0.47 -4.38
CA GLN B 101 15.67 -0.98 -4.21
C GLN B 101 16.55 -1.52 -5.32
N LEU B 102 17.81 -1.10 -5.27
CA LEU B 102 18.86 -1.46 -6.25
C LEU B 102 19.98 -2.14 -5.48
N ALA B 103 20.52 -3.18 -6.08
CA ALA B 103 21.75 -3.85 -5.63
C ALA B 103 22.87 -3.50 -6.59
N ARG B 104 24.12 -3.65 -6.13
CA ARG B 104 25.31 -3.57 -7.00
C ARG B 104 25.84 -4.98 -7.24
N VAL B 105 26.05 -5.28 -8.50
CA VAL B 105 26.58 -6.58 -8.93
C VAL B 105 27.97 -6.32 -9.49
N VAL B 106 28.95 -7.04 -8.96
CA VAL B 106 30.35 -6.99 -9.40
C VAL B 106 30.58 -8.11 -10.43
N SER B 107 31.49 -7.88 -11.38
CA SER B 107 31.75 -8.78 -12.53
C SER B 107 32.17 -10.18 -12.07
N ASP B 108 32.74 -10.34 -10.86
CA ASP B 108 33.09 -11.66 -10.29
C ASP B 108 31.88 -12.35 -9.63
N GLY B 109 30.68 -11.74 -9.64
CA GLY B 109 29.47 -12.36 -9.09
C GLY B 109 29.18 -11.94 -7.65
N GLU B 110 29.91 -10.97 -7.11
CA GLU B 110 29.60 -10.46 -5.75
C GLU B 110 28.39 -9.52 -5.82
N VAL B 111 27.50 -9.64 -4.85
CA VAL B 111 26.27 -8.80 -4.81
C VAL B 111 26.27 -8.01 -3.51
N LEU B 112 25.91 -6.75 -3.62
CA LEU B 112 25.85 -5.83 -2.48
C LEU B 112 24.47 -5.17 -2.52
N TYR B 113 23.76 -5.24 -1.40
CA TYR B 113 22.47 -4.57 -1.21
C TYR B 113 22.51 -3.85 0.14
N VAL B 114 22.23 -2.57 0.14
CA VAL B 114 22.26 -1.70 1.33
C VAL B 114 20.96 -0.90 1.42
N PRO B 115 19.85 -1.53 1.82
CA PRO B 115 18.65 -0.76 2.08
C PRO B 115 18.81 0.03 3.39
N SER B 116 18.21 1.21 3.38
CA SER B 116 17.89 2.00 4.58
C SER B 116 16.55 1.53 5.10
N ILE B 117 16.53 1.10 6.34
CA ILE B 117 15.31 0.49 6.89
C ILE B 117 14.93 1.23 8.16
N ARG B 118 13.65 1.54 8.21
CA ARG B 118 13.00 1.98 9.42
C ARG B 118 12.09 0.85 9.91
N GLN B 119 12.22 0.48 11.15
CA GLN B 119 11.50 -0.66 11.71
C GLN B 119 11.41 -0.54 13.22
N ARG B 120 10.40 -1.21 13.74
CA ARG B 120 10.06 -1.20 15.17
C ARG B 120 10.35 -2.60 15.75
N PHE B 121 10.94 -2.62 16.94
CA PHE B 121 11.37 -3.88 17.58
C PHE B 121 10.85 -3.94 19.00
N SER B 122 10.66 -5.19 19.43
CA SER B 122 10.40 -5.59 20.81
C SER B 122 11.76 -5.93 21.41
N CYS B 123 12.20 -5.17 22.37
CA CYS B 123 13.52 -5.44 22.99
C CYS B 123 13.61 -4.77 24.36
N ASP B 124 14.69 -5.07 25.06
CA ASP B 124 14.91 -4.54 26.42
C ASP B 124 15.27 -3.04 26.37
N VAL B 125 14.37 -2.21 26.82
CA VAL B 125 14.56 -0.74 26.80
C VAL B 125 14.89 -0.23 28.21
N SER B 126 14.84 -1.10 29.24
CA SER B 126 15.16 -0.68 30.63
C SER B 126 16.57 -0.09 30.63
N GLY B 127 16.73 1.02 31.37
CA GLY B 127 18.04 1.63 31.57
C GLY B 127 18.37 2.70 30.54
N VAL B 128 17.47 3.01 29.64
CA VAL B 128 17.74 4.02 28.57
C VAL B 128 17.97 5.42 29.17
N ASP B 129 17.32 5.71 30.29
CA ASP B 129 17.45 7.00 31.03
C ASP B 129 18.34 6.73 32.23
N THR B 130 19.40 5.92 32.03
CA THR B 130 20.54 5.74 32.99
C THR B 130 21.88 5.97 32.28
N GLU B 131 22.97 5.99 33.05
CA GLU B 131 24.33 6.23 32.55
C GLU B 131 24.83 5.02 31.75
N SER B 132 24.49 3.80 32.14
CA SER B 132 24.99 2.60 31.44
C SER B 132 24.08 2.28 30.25
N GLY B 133 22.87 2.85 30.18
CA GLY B 133 22.02 2.82 28.98
C GLY B 133 21.19 1.55 28.88
N ALA B 134 20.41 1.45 27.81
CA ALA B 134 19.65 0.22 27.47
C ALA B 134 20.51 -0.60 26.52
N THR B 135 20.37 -1.92 26.57
CA THR B 135 20.92 -2.80 25.52
C THR B 135 19.74 -3.47 24.81
N CYS B 136 19.48 -3.03 23.58
CA CYS B 136 18.41 -3.57 22.72
C CYS B 136 19.06 -4.57 21.76
N ARG B 137 18.66 -5.83 21.81
CA ARG B 137 19.20 -6.91 20.93
C ARG B 137 18.24 -7.07 19.73
N ILE B 138 18.77 -6.98 18.52
CA ILE B 138 18.04 -7.23 17.26
C ILE B 138 18.61 -8.49 16.60
N LYS B 139 17.75 -9.44 16.29
CA LYS B 139 18.16 -10.73 15.69
C LYS B 139 17.72 -10.78 14.22
N ILE B 140 18.66 -10.94 13.32
CA ILE B 140 18.42 -10.94 11.85
C ILE B 140 18.99 -12.22 11.25
N GLY B 141 18.11 -13.01 10.64
CA GLY B 141 18.52 -14.23 9.93
C GLY B 141 17.54 -14.57 8.83
N SER B 142 17.86 -15.59 8.05
CA SER B 142 16.94 -16.16 7.06
C SER B 142 15.67 -16.64 7.77
N TRP B 143 14.54 -16.45 7.13
CA TRP B 143 13.24 -16.87 7.67
C TRP B 143 13.02 -18.34 7.30
N THR B 144 13.40 -18.74 6.10
CA THR B 144 13.01 -20.07 5.57
C THR B 144 14.21 -20.95 5.24
N HIS B 145 15.43 -20.43 5.21
CA HIS B 145 16.61 -21.23 4.84
C HIS B 145 17.44 -21.52 6.09
N HIS B 146 17.52 -22.79 6.46
CA HIS B 146 18.36 -23.27 7.59
C HIS B 146 19.86 -23.19 7.23
N SER B 147 20.70 -23.44 8.21
CA SER B 147 22.19 -23.27 8.26
C SER B 147 22.93 -24.01 7.14
N ARG B 148 22.34 -25.07 6.60
CA ARG B 148 22.89 -25.83 5.44
C ARG B 148 22.63 -25.14 4.10
N GLU B 149 21.72 -24.17 4.04
CA GLU B 149 21.37 -23.43 2.78
C GLU B 149 21.89 -21.99 2.89
N ILE B 150 21.74 -21.34 4.05
CA ILE B 150 22.24 -19.97 4.25
C ILE B 150 23.00 -19.90 5.56
N SER B 151 24.21 -19.38 5.47
CA SER B 151 25.00 -19.04 6.66
C SER B 151 25.09 -17.52 6.73
N VAL B 152 25.00 -17.00 7.94
CA VAL B 152 25.00 -15.54 8.19
C VAL B 152 26.25 -15.21 9.00
N ASP B 153 27.04 -14.24 8.54
CA ASP B 153 28.28 -13.80 9.23
C ASP B 153 28.29 -12.28 9.37
N PRO B 154 28.52 -11.74 10.58
CA PRO B 154 28.63 -10.28 10.73
C PRO B 154 30.01 -9.80 10.32
N THR B 155 30.16 -8.54 9.90
CA THR B 155 31.49 -7.96 9.63
C THR B 155 32.11 -7.52 10.96
N SER B 162 29.13 5.35 14.58
CA SER B 162 29.82 6.60 15.05
C SER B 162 29.93 7.63 13.90
N GLU B 163 30.45 7.22 12.74
CA GLU B 163 30.48 8.10 11.55
C GLU B 163 29.12 8.06 10.83
N TYR B 164 28.19 7.17 11.22
CA TYR B 164 26.89 6.97 10.54
C TYR B 164 25.74 7.60 11.35
N PHE B 165 25.84 7.54 12.68
CA PHE B 165 24.72 7.93 13.57
C PHE B 165 24.51 9.43 13.47
N SER B 166 23.25 9.85 13.40
CA SER B 166 22.87 11.28 13.33
C SER B 166 23.37 12.02 14.60
N GLN B 167 24.08 13.12 14.41
CA GLN B 167 24.53 13.92 15.58
C GLN B 167 23.35 14.62 16.25
N TYR B 168 22.14 14.58 15.67
CA TYR B 168 20.98 15.39 16.12
C TYR B 168 20.01 14.56 16.92
N SER B 169 20.23 13.26 17.01
CA SER B 169 19.43 12.38 17.88
C SER B 169 19.46 12.90 19.32
N ARG B 170 18.33 12.80 20.02
CA ARG B 170 18.20 12.86 21.49
C ARG B 170 19.00 11.76 22.18
N PHE B 171 19.29 10.67 21.46
CA PHE B 171 20.01 9.51 22.01
C PHE B 171 21.47 9.53 21.51
N GLU B 172 22.31 8.87 22.30
CA GLU B 172 23.72 8.61 21.91
C GLU B 172 24.00 7.13 22.04
N ILE B 173 24.83 6.66 21.13
CA ILE B 173 25.24 5.24 21.07
C ILE B 173 26.49 5.06 21.90
N LEU B 174 26.42 4.16 22.88
CA LEU B 174 27.59 3.82 23.72
C LEU B 174 28.37 2.71 23.01
N ASP B 175 27.67 1.76 22.38
CA ASP B 175 28.34 0.60 21.74
C ASP B 175 27.36 -0.18 20.85
N VAL B 176 27.86 -0.71 19.74
CA VAL B 176 27.13 -1.69 18.89
C VAL B 176 28.00 -2.94 18.74
N THR B 177 27.45 -4.09 19.11
CA THR B 177 28.19 -5.36 18.96
C THR B 177 27.36 -6.31 18.09
N GLN B 178 28.03 -6.97 17.14
CA GLN B 178 27.40 -7.83 16.14
C GLN B 178 28.09 -9.19 16.24
N LYS B 179 27.33 -10.19 16.66
CA LYS B 179 27.84 -11.53 17.01
C LYS B 179 27.03 -12.58 16.24
N LYS B 180 27.74 -13.53 15.66
CA LYS B 180 27.12 -14.68 14.99
C LYS B 180 26.28 -15.44 16.02
N ASN B 181 25.22 -16.10 15.58
CA ASN B 181 24.33 -16.85 16.48
C ASN B 181 23.49 -17.82 15.65
N SER B 182 22.79 -18.73 16.31
CA SER B 182 21.94 -19.77 15.71
C SER B 182 20.63 -19.83 16.51
N VAL B 183 19.50 -19.96 15.84
CA VAL B 183 18.19 -20.09 16.50
C VAL B 183 17.66 -21.51 16.21
N THR B 184 17.09 -22.18 17.21
CA THR B 184 16.40 -23.46 17.03
C THR B 184 15.15 -23.54 17.90
N TYR B 185 14.14 -24.26 17.42
CA TYR B 185 12.83 -24.46 18.07
C TYR B 185 12.53 -25.96 18.03
N SER B 186 11.64 -26.43 18.90
CA SER B 186 11.23 -27.87 18.98
C SER B 186 10.23 -28.22 17.84
N CYS B 187 9.82 -27.30 16.97
CA CYS B 187 8.98 -27.61 15.76
C CYS B 187 9.83 -27.93 14.53
N CYS B 188 11.14 -27.88 14.70
CA CYS B 188 12.12 -27.80 13.59
C CYS B 188 13.28 -28.75 14.00
N PRO B 189 13.72 -29.65 13.11
CA PRO B 189 15.03 -30.27 13.26
C PRO B 189 16.15 -29.26 12.97
N GLU B 190 15.89 -28.22 12.21
CA GLU B 190 17.03 -27.46 11.68
C GLU B 190 17.22 -26.16 12.47
N ALA B 191 18.42 -25.63 12.25
CA ALA B 191 18.96 -24.43 12.89
C ALA B 191 18.98 -23.30 11.87
N TYR B 192 18.61 -22.10 12.31
CA TYR B 192 18.57 -20.87 11.48
C TYR B 192 19.67 -19.94 11.99
N GLU B 193 20.61 -19.62 11.12
CA GLU B 193 21.73 -18.76 11.51
C GLU B 193 21.22 -17.34 11.56
N ASP B 194 21.72 -16.58 12.50
CA ASP B 194 21.40 -15.15 12.56
C ASP B 194 22.60 -14.33 12.99
N VAL B 195 22.47 -13.02 12.81
CA VAL B 195 23.32 -12.04 13.51
C VAL B 195 22.52 -11.44 14.65
N GLU B 196 23.17 -11.35 15.80
CA GLU B 196 22.65 -10.70 17.01
C GLU B 196 23.34 -9.34 17.14
N VAL B 197 22.55 -8.29 17.07
CA VAL B 197 23.05 -6.90 17.09
C VAL B 197 22.63 -6.31 18.42
N SER B 198 23.61 -5.99 19.24
CA SER B 198 23.38 -5.38 20.58
C SER B 198 23.59 -3.88 20.50
N LEU B 199 22.50 -3.13 20.59
CA LEU B 199 22.52 -1.65 20.53
C LEU B 199 22.47 -1.11 21.95
N ASN B 200 23.61 -0.65 22.43
CA ASN B 200 23.76 -0.08 23.79
C ASN B 200 23.71 1.43 23.60
N PHE B 201 22.65 2.06 24.07
CA PHE B 201 22.42 3.51 23.83
C PHE B 201 21.75 4.14 25.04
N ARG B 202 21.72 5.47 25.09
CA ARG B 202 21.07 6.21 26.21
C ARG B 202 20.69 7.63 25.79
N LYS B 203 19.83 8.26 26.59
CA LYS B 203 19.43 9.65 26.37
C LYS B 203 20.67 10.54 26.61
N LYS B 204 20.89 11.53 25.73
CA LYS B 204 21.95 12.53 25.94
C LYS B 204 21.55 13.53 27.01
N GLY B 205 22.55 14.14 27.64
CA GLY B 205 22.38 15.35 28.43
C GLY B 205 21.78 15.07 29.79
N ARG B 206 21.90 13.84 30.34
CA ARG B 206 21.42 13.57 31.72
C ARG B 206 22.35 14.27 32.72
N SER B 207 21.92 14.49 33.97
CA SER B 207 22.63 15.20 35.07
C SER B 207 23.90 14.47 35.56
N ALA C 1 18.63 -33.63 -10.54
CA ALA C 1 17.90 -32.31 -10.53
C ALA C 1 18.54 -31.39 -9.47
N ASP C 2 18.68 -30.10 -9.79
CA ASP C 2 19.17 -29.06 -8.84
C ASP C 2 17.98 -28.21 -8.38
N ARG C 3 18.26 -27.20 -7.57
CA ARG C 3 17.18 -26.38 -6.98
C ARG C 3 16.42 -25.70 -8.12
N ALA C 4 17.13 -25.24 -9.14
CA ALA C 4 16.54 -24.51 -10.28
C ALA C 4 15.46 -25.40 -10.91
N ASP C 5 15.82 -26.64 -11.22
CA ASP C 5 14.90 -27.62 -11.85
C ASP C 5 13.70 -27.85 -10.94
N ILE C 6 13.89 -28.00 -9.63
CA ILE C 6 12.76 -28.28 -8.72
C ILE C 6 11.80 -27.08 -8.73
N LEU C 7 12.36 -25.88 -8.63
CA LEU C 7 11.55 -24.65 -8.59
C LEU C 7 10.84 -24.45 -9.92
N TYR C 8 11.52 -24.68 -11.03
CA TYR C 8 10.91 -24.57 -12.38
C TYR C 8 9.71 -25.53 -12.45
N ASN C 9 9.87 -26.79 -12.02
CA ASN C 9 8.78 -27.78 -12.12
C ASN C 9 7.60 -27.36 -11.23
N ILE C 10 7.89 -26.87 -10.05
CA ILE C 10 6.85 -26.35 -9.14
C ILE C 10 6.09 -25.21 -9.82
N ARG C 11 6.80 -24.28 -10.44
CA ARG C 11 6.19 -23.11 -11.18
C ARG C 11 5.29 -23.65 -12.32
N GLN C 12 5.73 -24.67 -13.05
CA GLN C 12 4.95 -25.23 -14.15
C GLN C 12 3.72 -25.97 -13.60
N THR C 13 3.77 -26.55 -12.42
CA THR C 13 2.80 -27.58 -11.99
C THR C 13 1.76 -26.96 -11.07
N SER C 14 2.19 -25.98 -10.27
CA SER C 14 1.35 -25.46 -9.19
C SER C 14 0.13 -24.70 -9.74
N ARG C 15 -1.01 -24.82 -9.05
CA ARG C 15 -2.26 -24.15 -9.44
C ARG C 15 -2.71 -23.36 -8.23
N PRO C 16 -2.33 -22.07 -8.16
CA PRO C 16 -2.58 -21.32 -6.95
C PRO C 16 -4.04 -21.15 -6.59
N ASP C 17 -4.91 -21.29 -7.54
CA ASP C 17 -6.35 -20.97 -7.32
C ASP C 17 -7.11 -22.28 -7.16
N VAL C 18 -6.45 -23.44 -7.20
CA VAL C 18 -7.17 -24.74 -7.17
C VAL C 18 -6.82 -25.45 -5.88
N ILE C 19 -7.83 -25.67 -5.06
CA ILE C 19 -7.63 -26.43 -3.81
C ILE C 19 -7.10 -27.83 -4.17
N PRO C 20 -5.99 -28.30 -3.57
CA PRO C 20 -5.44 -29.60 -3.97
C PRO C 20 -6.14 -30.81 -3.30
N THR C 21 -7.43 -30.96 -3.55
CA THR C 21 -8.21 -32.09 -2.98
C THR C 21 -7.67 -33.37 -3.61
N GLN C 22 -7.25 -34.29 -2.75
CA GLN C 22 -6.84 -35.67 -3.11
C GLN C 22 -8.09 -36.55 -3.00
N ARG C 23 -8.49 -37.21 -4.10
CA ARG C 23 -9.67 -38.11 -4.13
C ARG C 23 -10.92 -37.24 -3.88
N ASP C 24 -11.76 -37.64 -2.92
CA ASP C 24 -12.90 -36.85 -2.45
C ASP C 24 -12.64 -36.32 -1.03
N ARG C 25 -11.38 -36.26 -0.57
CA ARG C 25 -11.05 -35.87 0.81
C ARG C 25 -10.97 -34.35 0.88
N PRO C 26 -11.49 -33.74 1.98
CA PRO C 26 -11.11 -32.40 2.35
C PRO C 26 -9.59 -32.36 2.43
N VAL C 27 -9.02 -31.20 2.08
CA VAL C 27 -7.59 -30.90 2.37
C VAL C 27 -7.46 -30.69 3.87
N ALA C 28 -6.61 -31.49 4.47
CA ALA C 28 -6.27 -31.41 5.90
C ALA C 28 -5.22 -30.29 6.04
N VAL C 29 -5.63 -29.22 6.72
CA VAL C 29 -4.75 -28.08 7.04
C VAL C 29 -4.47 -28.12 8.53
N SER C 30 -3.20 -28.12 8.87
CA SER C 30 -2.76 -28.09 10.28
C SER C 30 -2.35 -26.65 10.64
N VAL C 31 -2.96 -26.07 11.68
CA VAL C 31 -2.70 -24.67 12.10
C VAL C 31 -2.32 -24.67 13.58
N SER C 32 -1.27 -23.94 13.89
CA SER C 32 -0.66 -23.85 15.22
C SER C 32 -0.16 -22.42 15.42
N LEU C 33 -0.78 -21.65 16.31
CA LEU C 33 -0.30 -20.27 16.56
C LEU C 33 0.76 -20.33 17.64
N LYS C 34 1.89 -19.63 17.42
CA LYS C 34 2.90 -19.45 18.48
C LYS C 34 2.91 -17.98 18.82
N PHE C 35 2.48 -17.66 20.05
CA PHE C 35 2.36 -16.24 20.46
C PHE C 35 3.76 -15.73 20.76
N ILE C 36 4.10 -14.58 20.19
CA ILE C 36 5.42 -13.93 20.32
C ILE C 36 5.28 -12.70 21.20
N ASN C 37 4.23 -11.92 21.01
CA ASN C 37 4.08 -10.67 21.77
C ASN C 37 2.62 -10.30 21.89
N ILE C 38 2.35 -9.61 22.98
CA ILE C 38 1.06 -8.94 23.24
C ILE C 38 1.40 -7.48 23.43
N LEU C 39 0.98 -6.62 22.52
CA LEU C 39 1.53 -5.24 22.39
C LEU C 39 0.60 -4.21 23.01
N GLU C 40 -0.70 -4.45 22.96
CA GLU C 40 -1.67 -3.42 23.34
C GLU C 40 -2.90 -4.19 23.77
N VAL C 41 -3.43 -3.84 24.93
CA VAL C 41 -4.63 -4.47 25.48
C VAL C 41 -5.54 -3.36 25.95
N ASN C 42 -6.82 -3.38 25.61
CA ASN C 42 -7.75 -2.36 26.12
C ASN C 42 -8.91 -3.08 26.80
N GLU C 43 -8.99 -2.99 28.13
CA GLU C 43 -9.99 -3.74 28.94
C GLU C 43 -11.38 -3.11 28.75
N ILE C 44 -11.42 -1.83 28.42
CA ILE C 44 -12.69 -1.09 28.17
C ILE C 44 -13.24 -1.46 26.79
N THR C 45 -12.42 -1.43 25.73
CA THR C 45 -12.93 -1.75 24.36
C THR C 45 -12.87 -3.25 24.08
N ASN C 46 -12.19 -4.04 24.91
CA ASN C 46 -12.07 -5.50 24.66
C ASN C 46 -11.36 -5.72 23.32
N GLU C 47 -10.20 -5.10 23.18
CA GLU C 47 -9.33 -5.26 22.00
C GLU C 47 -7.93 -5.59 22.46
N VAL C 48 -7.30 -6.45 21.67
CA VAL C 48 -5.88 -6.82 21.84
C VAL C 48 -5.18 -6.76 20.47
N ASP C 49 -3.92 -6.38 20.54
CA ASP C 49 -2.98 -6.33 19.43
C ASP C 49 -1.89 -7.36 19.71
N VAL C 50 -1.80 -8.38 18.88
CA VAL C 50 -0.84 -9.49 19.15
C VAL C 50 0.04 -9.71 17.93
N VAL C 51 1.25 -10.21 18.22
CA VAL C 51 2.12 -10.84 17.20
C VAL C 51 2.13 -12.35 17.45
N PHE C 52 1.90 -13.12 16.39
CA PHE C 52 2.02 -14.58 16.43
C PHE C 52 2.58 -15.12 15.13
N TRP C 53 3.26 -16.27 15.26
CA TRP C 53 3.79 -17.05 14.12
C TRP C 53 2.77 -18.12 13.79
N GLN C 54 2.25 -18.12 12.57
CA GLN C 54 1.13 -19.05 12.26
C GLN C 54 1.66 -20.26 11.48
N ARG C 55 2.01 -21.32 12.17
CA ARG C 55 2.59 -22.51 11.52
C ARG C 55 1.45 -23.26 10.84
N THR C 56 1.51 -23.29 9.52
CA THR C 56 0.43 -23.79 8.67
C THR C 56 1.03 -24.85 7.77
N THR C 57 0.45 -26.03 7.74
CA THR C 57 0.94 -27.13 6.86
C THR C 57 -0.23 -27.83 6.22
N TRP C 58 0.07 -28.37 5.06
CA TRP C 58 -0.90 -29.12 4.24
C TRP C 58 -0.09 -29.87 3.21
N SER C 59 -0.78 -30.61 2.38
CA SER C 59 -0.14 -31.45 1.36
C SER C 59 -0.70 -31.09 -0.02
N ASP C 60 0.17 -31.02 -1.01
CA ASP C 60 -0.19 -30.92 -2.44
C ASP C 60 0.70 -31.91 -3.21
N ARG C 61 0.17 -33.10 -3.45
CA ARG C 61 0.94 -34.24 -3.99
C ARG C 61 1.40 -34.01 -5.44
N THR C 62 0.74 -33.15 -6.22
CA THR C 62 1.20 -32.83 -7.59
C THR C 62 2.58 -32.15 -7.58
N LEU C 63 3.05 -31.62 -6.43
CA LEU C 63 4.30 -30.84 -6.35
C LEU C 63 5.47 -31.79 -6.07
N ALA C 64 5.14 -33.05 -5.77
CA ALA C 64 6.12 -34.07 -5.31
C ALA C 64 7.19 -34.31 -6.38
N TRP C 65 8.38 -34.66 -5.93
CA TRP C 65 9.47 -35.05 -6.85
C TRP C 65 10.34 -36.13 -6.20
N ASP C 66 11.10 -36.82 -7.03
CA ASP C 66 12.08 -37.81 -6.57
C ASP C 66 13.30 -37.06 -6.04
N SER C 67 13.53 -37.11 -4.73
CA SER C 67 14.69 -36.46 -4.04
C SER C 67 15.74 -37.49 -3.61
N SER C 68 15.79 -38.68 -4.22
CA SER C 68 16.82 -39.70 -3.88
C SER C 68 18.22 -39.09 -4.13
N HIS C 69 18.40 -38.36 -5.24
CA HIS C 69 19.67 -37.70 -5.66
C HIS C 69 19.47 -36.21 -5.89
N SER C 70 18.64 -35.53 -5.09
CA SER C 70 18.41 -34.06 -5.17
C SER C 70 17.98 -33.51 -3.81
N PRO C 71 18.02 -32.18 -3.62
CA PRO C 71 17.49 -31.57 -2.40
C PRO C 71 16.03 -31.95 -2.17
N ASP C 72 15.65 -32.20 -0.91
CA ASP C 72 14.29 -32.73 -0.61
C ASP C 72 13.36 -31.60 -0.14
N GLN C 73 13.85 -30.36 -0.10
CA GLN C 73 13.06 -29.15 0.31
C GLN C 73 13.51 -27.92 -0.46
N VAL C 74 12.60 -27.04 -0.85
CA VAL C 74 12.97 -25.70 -1.37
C VAL C 74 12.02 -24.66 -0.78
N SER C 75 12.48 -23.42 -0.76
CA SER C 75 11.70 -22.21 -0.45
C SER C 75 10.98 -21.74 -1.73
N VAL C 76 9.71 -21.38 -1.61
CA VAL C 76 8.88 -20.96 -2.77
C VAL C 76 8.03 -19.76 -2.38
N PRO C 77 7.97 -18.70 -3.19
CA PRO C 77 7.05 -17.59 -2.91
C PRO C 77 5.58 -18.06 -2.90
N ILE C 78 4.82 -17.63 -1.92
CA ILE C 78 3.46 -18.17 -1.74
C ILE C 78 2.60 -17.82 -2.94
N SER C 79 2.95 -16.76 -3.68
CA SER C 79 2.12 -16.33 -4.83
C SER C 79 2.22 -17.40 -5.92
N SER C 80 3.17 -18.32 -5.85
CA SER C 80 3.26 -19.43 -6.82
C SER C 80 2.49 -20.66 -6.36
N LEU C 81 1.84 -20.66 -5.19
CA LEU C 81 1.24 -21.91 -4.65
C LEU C 81 -0.20 -21.67 -4.27
N TRP C 82 -0.97 -22.73 -4.19
CA TRP C 82 -2.25 -22.65 -3.46
C TRP C 82 -1.91 -22.50 -1.99
N VAL C 83 -2.62 -21.64 -1.30
CA VAL C 83 -2.49 -21.41 0.16
C VAL C 83 -3.91 -21.40 0.70
N PRO C 84 -4.18 -22.02 1.86
CA PRO C 84 -5.53 -21.97 2.41
C PRO C 84 -5.98 -20.53 2.71
N ASP C 85 -7.24 -20.25 2.44
CA ASP C 85 -7.87 -18.92 2.61
C ASP C 85 -8.30 -18.75 4.06
N LEU C 86 -7.36 -18.85 4.98
CA LEU C 86 -7.68 -18.78 6.43
C LEU C 86 -8.04 -17.35 6.82
N ALA C 87 -8.97 -17.19 7.72
CA ALA C 87 -9.29 -15.88 8.31
C ALA C 87 -9.59 -16.04 9.79
N ALA C 88 -9.27 -14.99 10.53
CA ALA C 88 -9.59 -14.90 11.95
C ALA C 88 -10.97 -14.28 12.05
N TYR C 89 -11.98 -15.01 12.55
CA TYR C 89 -13.39 -14.56 12.50
C TYR C 89 -13.64 -13.34 13.39
N ASN C 90 -12.83 -13.09 14.40
CA ASN C 90 -13.00 -11.96 15.34
C ASN C 90 -11.85 -10.94 15.16
N ALA C 91 -11.17 -10.95 14.02
CA ALA C 91 -10.12 -9.94 13.73
C ALA C 91 -10.79 -8.59 13.49
N ILE C 92 -10.16 -7.51 13.91
CA ILE C 92 -10.70 -6.16 13.58
C ILE C 92 -9.64 -5.36 12.84
N SER C 93 -8.61 -6.01 12.32
CA SER C 93 -7.60 -5.36 11.43
C SER C 93 -7.15 -6.41 10.45
N LYS C 94 -6.58 -5.96 9.35
CA LYS C 94 -6.00 -6.86 8.35
C LYS C 94 -4.82 -7.56 8.99
N PRO C 95 -4.52 -8.82 8.65
CA PRO C 95 -3.29 -9.43 9.12
C PRO C 95 -2.09 -8.74 8.46
N GLU C 96 -1.19 -8.17 9.23
CA GLU C 96 0.05 -7.53 8.76
C GLU C 96 1.11 -8.63 8.77
N VAL C 97 1.53 -9.12 7.59
CA VAL C 97 2.59 -10.16 7.51
C VAL C 97 3.95 -9.46 7.60
N LEU C 98 4.74 -9.84 8.61
CA LEU C 98 6.02 -9.13 8.92
C LEU C 98 7.19 -9.86 8.27
N THR C 99 7.00 -11.07 7.76
CA THR C 99 8.13 -11.90 7.32
C THR C 99 8.09 -12.08 5.80
N PRO C 100 9.21 -12.43 5.18
CA PRO C 100 9.20 -12.81 3.76
C PRO C 100 8.15 -13.91 3.45
N GLN C 101 7.41 -13.69 2.37
CA GLN C 101 6.21 -14.48 2.06
C GLN C 101 6.62 -15.71 1.28
N LEU C 102 7.37 -16.59 1.94
CA LEU C 102 7.93 -17.80 1.33
C LEU C 102 7.41 -18.99 2.12
N ALA C 103 7.05 -20.04 1.39
CA ALA C 103 6.67 -21.35 1.93
C ALA C 103 7.84 -22.29 1.69
N ARG C 104 7.85 -23.40 2.43
CA ARG C 104 8.74 -24.55 2.15
C ARG C 104 7.91 -25.65 1.52
N VAL C 105 8.42 -26.20 0.44
CA VAL C 105 7.81 -27.38 -0.22
C VAL C 105 8.77 -28.54 -0.06
N VAL C 106 8.24 -29.62 0.47
CA VAL C 106 8.99 -30.89 0.70
C VAL C 106 8.74 -31.84 -0.48
N SER C 107 9.73 -32.71 -0.78
CA SER C 107 9.73 -33.56 -1.98
C SER C 107 8.53 -34.52 -1.99
N ASP C 108 7.93 -34.83 -0.85
CA ASP C 108 6.71 -35.70 -0.77
C ASP C 108 5.43 -34.86 -0.99
N GLY C 109 5.53 -33.55 -1.25
CA GLY C 109 4.37 -32.70 -1.58
C GLY C 109 3.83 -31.95 -0.37
N GLU C 110 4.50 -32.04 0.78
CA GLU C 110 4.07 -31.29 1.97
C GLU C 110 4.45 -29.80 1.80
N VAL C 111 3.56 -28.91 2.22
CA VAL C 111 3.81 -27.46 2.12
C VAL C 111 3.72 -26.88 3.52
N LEU C 112 4.66 -26.00 3.83
CA LEU C 112 4.77 -25.38 5.15
C LEU C 112 4.83 -23.86 4.91
N TYR C 113 3.94 -23.12 5.57
CA TYR C 113 3.99 -21.65 5.57
C TYR C 113 3.85 -21.13 6.99
N VAL C 114 4.80 -20.29 7.41
CA VAL C 114 4.86 -19.76 8.78
C VAL C 114 5.02 -18.25 8.75
N PRO C 115 3.95 -17.51 8.42
CA PRO C 115 4.03 -16.06 8.51
C PRO C 115 4.04 -15.60 9.96
N SER C 116 4.80 -14.53 10.20
CA SER C 116 4.67 -13.70 11.39
C SER C 116 3.57 -12.66 11.14
N ILE C 117 2.59 -12.67 12.01
CA ILE C 117 1.42 -11.82 11.81
C ILE C 117 1.23 -10.95 13.05
N ARG C 118 1.03 -9.69 12.76
CA ARG C 118 0.55 -8.72 13.74
C ARG C 118 -0.89 -8.33 13.38
N GLN C 119 -1.77 -8.41 14.33
CA GLN C 119 -3.20 -8.31 14.08
C GLN C 119 -3.92 -7.97 15.37
N ARG C 120 -5.07 -7.35 15.20
CA ARG C 120 -5.87 -6.80 16.31
C ARG C 120 -7.16 -7.62 16.38
N PHE C 121 -7.59 -8.00 17.60
CA PHE C 121 -8.78 -8.85 17.78
C PHE C 121 -9.73 -8.24 18.82
N SER C 122 -11.00 -8.56 18.59
CA SER C 122 -12.14 -8.29 19.49
C SER C 122 -12.31 -9.54 20.34
N CYS C 123 -12.04 -9.44 21.63
CA CYS C 123 -12.14 -10.62 22.50
C CYS C 123 -12.22 -10.20 23.96
N ASP C 124 -12.45 -11.19 24.81
CA ASP C 124 -12.72 -10.96 26.26
C ASP C 124 -11.42 -10.59 26.97
N VAL C 125 -11.29 -9.33 27.38
CA VAL C 125 -10.06 -8.84 28.04
C VAL C 125 -10.32 -8.68 29.55
N SER C 126 -11.55 -8.89 30.02
CA SER C 126 -11.85 -8.76 31.47
C SER C 126 -10.96 -9.72 32.27
N GLY C 127 -10.44 -9.26 33.40
CA GLY C 127 -9.61 -10.05 34.34
C GLY C 127 -8.12 -9.99 34.01
N VAL C 128 -7.72 -9.19 33.02
CA VAL C 128 -6.29 -9.13 32.60
C VAL C 128 -5.38 -8.63 33.72
N ASP C 129 -5.90 -7.77 34.60
CA ASP C 129 -5.12 -7.18 35.71
C ASP C 129 -5.27 -8.03 36.97
N THR C 130 -5.87 -9.22 36.87
CA THR C 130 -6.06 -10.15 38.02
C THR C 130 -5.06 -11.29 37.94
N GLU C 131 -5.02 -12.12 38.98
CA GLU C 131 -4.09 -13.27 39.07
C GLU C 131 -4.51 -14.38 38.10
N SER C 132 -5.81 -14.60 37.89
CA SER C 132 -6.27 -15.68 36.99
C SER C 132 -6.26 -15.20 35.52
N GLY C 133 -6.20 -13.89 35.27
CA GLY C 133 -5.94 -13.32 33.94
C GLY C 133 -7.18 -13.21 33.08
N ALA C 134 -7.01 -12.76 31.85
CA ALA C 134 -8.07 -12.73 30.82
C ALA C 134 -7.92 -13.99 29.96
N THR C 135 -9.02 -14.45 29.39
CA THR C 135 -8.99 -15.50 28.34
C THR C 135 -9.52 -14.90 27.05
N CYS C 136 -8.63 -14.66 26.09
CA CYS C 136 -8.97 -14.07 24.76
C CYS C 136 -9.04 -15.22 23.75
N ARG C 137 -10.22 -15.46 23.18
CA ARG C 137 -10.43 -16.57 22.21
C ARG C 137 -10.28 -16.01 20.77
N ILE C 138 -9.41 -16.62 19.98
CA ILE C 138 -9.19 -16.30 18.54
C ILE C 138 -9.66 -17.50 17.71
N LYS C 139 -10.53 -17.24 16.74
CA LYS C 139 -11.08 -18.30 15.88
C LYS C 139 -10.51 -18.15 14.46
N ILE C 140 -9.83 -19.19 13.97
CA ILE C 140 -9.19 -19.18 12.63
C ILE C 140 -9.70 -20.36 11.82
N GLY C 141 -10.35 -20.06 10.70
CA GLY C 141 -10.77 -21.10 9.75
C GLY C 141 -10.81 -20.60 8.33
N SER C 142 -11.07 -21.50 7.39
CA SER C 142 -11.33 -21.14 5.99
C SER C 142 -12.52 -20.16 5.94
N TRP C 143 -12.40 -19.18 5.07
CA TRP C 143 -13.45 -18.18 4.90
C TRP C 143 -14.48 -18.74 3.91
N THR C 144 -14.04 -19.42 2.85
CA THR C 144 -14.92 -19.80 1.72
C THR C 144 -15.05 -21.30 1.54
N HIS C 145 -14.22 -22.11 2.16
CA HIS C 145 -14.26 -23.58 1.95
C HIS C 145 -14.87 -24.25 3.17
N HIS C 146 -16.02 -24.88 3.01
CA HIS C 146 -16.68 -25.66 4.10
C HIS C 146 -15.92 -26.96 4.38
N SER C 147 -16.37 -27.68 5.42
CA SER C 147 -15.73 -28.86 6.06
C SER C 147 -15.47 -30.02 5.07
N ARG C 148 -16.22 -30.09 3.98
CA ARG C 148 -16.01 -31.11 2.92
C ARG C 148 -14.86 -30.74 1.96
N GLU C 149 -14.39 -29.49 1.96
CA GLU C 149 -13.26 -29.04 1.09
C GLU C 149 -12.01 -28.78 1.94
N ILE C 150 -12.16 -28.14 3.10
CA ILE C 150 -11.01 -27.92 4.01
C ILE C 150 -11.37 -28.36 5.43
N SER C 151 -10.52 -29.21 5.99
CA SER C 151 -10.58 -29.56 7.41
C SER C 151 -9.39 -28.91 8.11
N VAL C 152 -9.64 -28.38 9.29
CA VAL C 152 -8.61 -27.65 10.06
C VAL C 152 -8.35 -28.43 11.33
N ASP C 153 -7.06 -28.70 11.62
CA ASP C 153 -6.66 -29.48 12.82
C ASP C 153 -5.52 -28.75 13.56
N PRO C 154 -5.65 -28.49 14.87
CA PRO C 154 -4.51 -27.95 15.63
C PRO C 154 -3.51 -29.07 15.97
N SER C 162 5.53 -20.58 25.41
CA SER C 162 6.56 -20.49 26.49
C SER C 162 7.98 -20.34 25.89
N GLU C 163 8.29 -21.19 24.94
CA GLU C 163 9.57 -21.17 24.19
C GLU C 163 9.61 -19.96 23.25
N TYR C 164 8.45 -19.41 22.86
CA TYR C 164 8.33 -18.43 21.74
C TYR C 164 8.10 -17.00 22.26
N PHE C 165 7.40 -16.88 23.37
CA PHE C 165 6.89 -15.58 23.87
C PHE C 165 8.05 -14.68 24.30
N SER C 166 7.99 -13.43 23.91
CA SER C 166 9.00 -12.39 24.25
C SER C 166 9.03 -12.18 25.77
N GLN C 167 10.20 -12.25 26.37
CA GLN C 167 10.33 -11.97 27.83
C GLN C 167 10.10 -10.48 28.13
N TYR C 168 10.00 -9.62 27.11
CA TYR C 168 9.97 -8.14 27.31
C TYR C 168 8.56 -7.58 27.21
N SER C 169 7.59 -8.43 26.84
CA SER C 169 6.17 -8.05 26.95
C SER C 169 5.85 -7.62 28.39
N ARG C 170 4.99 -6.62 28.51
CA ARG C 170 4.32 -6.22 29.79
C ARG C 170 3.42 -7.35 30.28
N PHE C 171 3.04 -8.27 29.39
CA PHE C 171 2.13 -9.39 29.71
C PHE C 171 2.91 -10.69 29.82
N GLU C 172 2.30 -11.65 30.48
CA GLU C 172 2.82 -13.05 30.53
C GLU C 172 1.68 -13.99 30.19
N ILE C 173 2.04 -15.09 29.57
CA ILE C 173 1.08 -16.14 29.15
C ILE C 173 0.97 -17.17 30.26
N LEU C 174 -0.24 -17.40 30.75
CA LEU C 174 -0.50 -18.49 31.72
C LEU C 174 -0.72 -19.79 30.94
N ASP C 175 -1.46 -19.73 29.84
CA ASP C 175 -1.84 -20.97 29.11
C ASP C 175 -2.39 -20.64 27.72
N VAL C 176 -2.04 -21.49 26.76
CA VAL C 176 -2.61 -21.42 25.38
C VAL C 176 -3.20 -22.78 25.03
N THR C 177 -4.49 -22.78 24.71
CA THR C 177 -5.19 -24.03 24.34
C THR C 177 -5.76 -23.85 22.94
N GLN C 178 -5.53 -24.84 22.10
CA GLN C 178 -5.91 -24.84 20.68
C GLN C 178 -6.78 -26.07 20.46
N LYS C 179 -8.05 -25.83 20.17
CA LYS C 179 -9.08 -26.89 20.12
C LYS C 179 -9.79 -26.77 18.77
N LYS C 180 -9.96 -27.92 18.12
CA LYS C 180 -10.75 -28.03 16.90
C LYS C 180 -12.16 -27.50 17.19
N ASN C 181 -12.82 -26.97 16.19
CA ASN C 181 -14.18 -26.42 16.34
C ASN C 181 -14.79 -26.29 14.95
N SER C 182 -16.07 -26.01 14.91
CA SER C 182 -16.81 -25.78 13.64
C SER C 182 -17.76 -24.60 13.83
N VAL C 183 -17.87 -23.79 12.79
CA VAL C 183 -18.73 -22.57 12.81
C VAL C 183 -19.85 -22.79 11.81
N THR C 184 -21.07 -22.48 12.23
CA THR C 184 -22.29 -22.62 11.39
C THR C 184 -23.20 -21.43 11.69
N TYR C 185 -23.80 -20.87 10.66
CA TYR C 185 -24.73 -19.73 10.75
C TYR C 185 -26.02 -20.14 10.03
N SER C 186 -27.14 -19.47 10.31
CA SER C 186 -28.38 -19.49 9.49
C SER C 186 -28.10 -19.04 8.04
N CYS C 187 -27.04 -18.23 7.81
CA CYS C 187 -26.57 -17.72 6.48
C CYS C 187 -26.32 -18.83 5.45
N CYS C 188 -25.91 -20.01 5.92
CA CYS C 188 -25.30 -21.07 5.10
C CYS C 188 -25.83 -22.41 5.59
N PRO C 189 -26.14 -23.39 4.71
CA PRO C 189 -26.36 -24.76 5.16
C PRO C 189 -25.07 -25.46 5.59
N GLU C 190 -23.92 -24.93 5.18
CA GLU C 190 -22.59 -25.58 5.36
C GLU C 190 -21.95 -25.19 6.69
N ALA C 191 -20.98 -26.02 7.11
CA ALA C 191 -20.16 -25.85 8.33
C ALA C 191 -18.73 -25.53 7.93
N TYR C 192 -18.11 -24.60 8.66
CA TYR C 192 -16.73 -24.13 8.40
C TYR C 192 -15.88 -24.56 9.59
N GLU C 193 -14.86 -25.33 9.33
CA GLU C 193 -14.00 -25.85 10.44
C GLU C 193 -13.08 -24.72 10.85
N ASP C 194 -12.82 -24.66 12.14
CA ASP C 194 -11.84 -23.67 12.63
C ASP C 194 -11.00 -24.26 13.75
N VAL C 195 -9.92 -23.54 14.05
CA VAL C 195 -9.22 -23.70 15.34
C VAL C 195 -9.63 -22.56 16.26
N GLU C 196 -9.95 -22.93 17.49
CA GLU C 196 -10.26 -21.99 18.58
C GLU C 196 -9.04 -21.93 19.49
N VAL C 197 -8.42 -20.77 19.57
CA VAL C 197 -7.18 -20.57 20.36
C VAL C 197 -7.58 -19.73 21.56
N SER C 198 -7.46 -20.31 22.74
CA SER C 198 -7.72 -19.62 24.02
C SER C 198 -6.40 -19.13 24.61
N LEU C 199 -6.22 -17.81 24.59
CA LEU C 199 -5.00 -17.18 25.15
C LEU C 199 -5.36 -16.66 26.54
N ASN C 200 -4.88 -17.38 27.54
CA ASN C 200 -5.04 -17.00 28.97
C ASN C 200 -3.75 -16.29 29.34
N PHE C 201 -3.86 -14.98 29.58
CA PHE C 201 -2.67 -14.13 29.85
C PHE C 201 -3.02 -13.09 30.90
N ARG C 202 -2.00 -12.45 31.44
CA ARG C 202 -2.22 -11.35 32.40
C ARG C 202 -1.06 -10.36 32.38
N LYS C 203 -1.32 -9.18 32.92
CA LYS C 203 -0.27 -8.16 33.11
C LYS C 203 0.68 -8.69 34.17
N LYS C 204 1.99 -8.46 33.99
CA LYS C 204 3.05 -8.89 34.93
C LYS C 204 2.87 -8.22 36.29
N ALA D 1 -15.77 -33.85 -14.43
CA ALA D 1 -14.98 -32.58 -14.27
C ALA D 1 -14.50 -32.44 -12.82
N ASP D 2 -13.30 -31.91 -12.63
CA ASP D 2 -12.71 -31.62 -11.30
C ASP D 2 -12.75 -30.09 -11.10
N ARG D 3 -12.23 -29.64 -9.97
CA ARG D 3 -12.32 -28.21 -9.60
C ARG D 3 -11.56 -27.40 -10.64
N ALA D 4 -10.41 -27.90 -11.07
CA ALA D 4 -9.52 -27.23 -12.04
C ALA D 4 -10.32 -26.98 -13.31
N ASP D 5 -10.99 -27.98 -13.85
CA ASP D 5 -11.80 -27.87 -15.10
C ASP D 5 -12.90 -26.81 -14.90
N ILE D 6 -13.55 -26.78 -13.75
CA ILE D 6 -14.63 -25.78 -13.54
C ILE D 6 -14.05 -24.38 -13.49
N LEU D 7 -12.94 -24.23 -12.77
CA LEU D 7 -12.24 -22.93 -12.65
C LEU D 7 -11.70 -22.52 -14.03
N TYR D 8 -11.16 -23.44 -14.83
CA TYR D 8 -10.60 -23.07 -16.15
C TYR D 8 -11.74 -22.58 -17.04
N ASN D 9 -12.89 -23.26 -17.01
CA ASN D 9 -14.02 -22.82 -17.85
C ASN D 9 -14.49 -21.40 -17.42
N ILE D 10 -14.59 -21.20 -16.12
CA ILE D 10 -14.94 -19.86 -15.56
C ILE D 10 -13.93 -18.81 -16.04
N ARG D 11 -12.64 -19.08 -15.99
CA ARG D 11 -11.60 -18.09 -16.41
C ARG D 11 -11.72 -17.80 -17.90
N GLN D 12 -12.01 -18.80 -18.72
CA GLN D 12 -12.15 -18.58 -20.18
C GLN D 12 -13.44 -17.82 -20.45
N THR D 13 -14.47 -17.94 -19.64
CA THR D 13 -15.84 -17.46 -19.98
C THR D 13 -16.12 -16.11 -19.32
N SER D 14 -15.61 -15.90 -18.14
CA SER D 14 -15.93 -14.73 -17.31
C SER D 14 -15.23 -13.50 -17.91
N ARG D 15 -15.93 -12.37 -17.90
CA ARG D 15 -15.39 -11.07 -18.39
C ARG D 15 -15.45 -10.12 -17.23
N PRO D 16 -14.37 -9.98 -16.45
CA PRO D 16 -14.43 -9.23 -15.22
C PRO D 16 -14.82 -7.75 -15.36
N ASP D 17 -14.66 -7.19 -16.55
CA ASP D 17 -14.97 -5.76 -16.73
C ASP D 17 -16.38 -5.59 -17.31
N VAL D 18 -17.10 -6.68 -17.58
CA VAL D 18 -18.40 -6.59 -18.30
C VAL D 18 -19.53 -7.02 -17.39
N ILE D 19 -20.44 -6.11 -17.15
CA ILE D 19 -21.64 -6.43 -16.37
C ILE D 19 -22.41 -7.56 -17.07
N PRO D 20 -22.79 -8.66 -16.38
CA PRO D 20 -23.45 -9.77 -17.07
C PRO D 20 -24.96 -9.58 -17.26
N THR D 21 -25.35 -8.51 -17.97
CA THR D 21 -26.78 -8.19 -18.18
C THR D 21 -27.34 -9.28 -19.07
N GLN D 22 -28.45 -9.86 -18.62
CA GLN D 22 -29.33 -10.79 -19.38
C GLN D 22 -30.36 -9.93 -20.14
N ARG D 23 -30.38 -10.03 -21.47
CA ARG D 23 -31.26 -9.20 -22.35
C ARG D 23 -30.92 -7.73 -22.16
N ASP D 24 -31.91 -6.88 -21.87
CA ASP D 24 -31.64 -5.48 -21.41
C ASP D 24 -32.08 -5.30 -19.96
N ARG D 25 -32.11 -6.35 -19.17
CA ARG D 25 -32.56 -6.32 -17.76
C ARG D 25 -31.37 -5.96 -16.85
N PRO D 26 -31.63 -5.18 -15.78
CA PRO D 26 -30.61 -4.93 -14.77
C PRO D 26 -30.13 -6.24 -14.18
N VAL D 27 -28.87 -6.29 -13.79
CA VAL D 27 -28.36 -7.37 -12.90
C VAL D 27 -28.88 -7.12 -11.50
N ALA D 28 -29.63 -8.08 -10.99
CA ALA D 28 -30.19 -8.08 -9.61
C ALA D 28 -29.08 -8.51 -8.64
N VAL D 29 -28.62 -7.55 -7.83
CA VAL D 29 -27.58 -7.78 -6.78
C VAL D 29 -28.28 -7.76 -5.43
N SER D 30 -28.08 -8.81 -4.65
CA SER D 30 -28.60 -8.88 -3.26
C SER D 30 -27.49 -8.46 -2.32
N VAL D 31 -27.80 -7.53 -1.44
CA VAL D 31 -26.81 -7.08 -0.42
C VAL D 31 -27.46 -7.20 0.96
N SER D 32 -26.72 -7.76 1.89
CA SER D 32 -27.18 -8.02 3.27
C SER D 32 -25.99 -7.80 4.21
N LEU D 33 -26.03 -6.77 5.07
CA LEU D 33 -24.90 -6.52 6.00
C LEU D 33 -25.17 -7.28 7.29
N LYS D 34 -24.18 -7.98 7.80
CA LYS D 34 -24.21 -8.56 9.16
C LYS D 34 -23.15 -7.82 9.98
N PHE D 35 -23.62 -7.08 10.98
CA PHE D 35 -22.73 -6.30 11.85
C PHE D 35 -22.05 -7.24 12.82
N ILE D 36 -20.72 -7.11 12.91
CA ILE D 36 -19.85 -7.93 13.78
C ILE D 36 -19.37 -7.11 14.96
N ASN D 37 -18.98 -5.87 14.73
CA ASN D 37 -18.43 -5.04 15.82
C ASN D 37 -18.63 -3.56 15.51
N ILE D 38 -18.74 -2.80 16.58
CA ILE D 38 -18.77 -1.34 16.59
C ILE D 38 -17.61 -0.91 17.47
N LEU D 39 -16.58 -0.31 16.89
CA LEU D 39 -15.25 -0.19 17.53
C LEU D 39 -15.03 1.20 18.11
N GLU D 40 -15.55 2.22 17.47
CA GLU D 40 -15.22 3.61 17.84
C GLU D 40 -16.42 4.42 17.43
N VAL D 41 -16.92 5.18 18.35
CA VAL D 41 -18.11 6.02 18.15
C VAL D 41 -17.75 7.42 18.66
N ASN D 42 -17.99 8.45 17.88
CA ASN D 42 -17.71 9.82 18.35
C ASN D 42 -19.00 10.63 18.19
N GLU D 43 -19.64 10.98 19.31
CA GLU D 43 -20.96 11.65 19.33
C GLU D 43 -20.78 13.11 18.93
N ILE D 44 -19.60 13.66 19.13
CA ILE D 44 -19.28 15.05 18.73
C ILE D 44 -19.05 15.15 17.22
N THR D 45 -18.26 14.27 16.62
CA THR D 45 -17.99 14.33 15.15
C THR D 45 -19.04 13.54 14.36
N ASN D 46 -19.87 12.74 15.03
CA ASN D 46 -20.87 11.90 14.31
C ASN D 46 -20.16 10.95 13.35
N GLU D 47 -19.20 10.23 13.89
CA GLU D 47 -18.45 9.21 13.15
C GLU D 47 -18.49 7.91 13.93
N VAL D 48 -18.56 6.83 13.16
CA VAL D 48 -18.51 5.47 13.70
C VAL D 48 -17.60 4.62 12.83
N ASP D 49 -16.92 3.72 13.51
CA ASP D 49 -16.00 2.73 12.94
C ASP D 49 -16.62 1.35 13.17
N VAL D 50 -17.00 0.68 12.10
CA VAL D 50 -17.69 -0.62 12.25
C VAL D 50 -16.99 -1.72 11.45
N VAL D 51 -17.17 -2.96 11.92
CA VAL D 51 -16.87 -4.18 11.13
C VAL D 51 -18.19 -4.85 10.74
N PHE D 52 -18.33 -5.19 9.47
CA PHE D 52 -19.49 -5.95 8.98
C PHE D 52 -19.09 -6.92 7.88
N TRP D 53 -19.85 -8.00 7.79
CA TRP D 53 -19.76 -9.01 6.71
C TRP D 53 -20.81 -8.66 5.66
N GLN D 54 -20.36 -8.34 4.45
CA GLN D 54 -21.30 -7.86 3.40
C GLN D 54 -21.64 -9.02 2.44
N ARG D 55 -22.73 -9.72 2.72
CA ARG D 55 -23.14 -10.86 1.90
C ARG D 55 -23.75 -10.33 0.62
N THR D 56 -23.07 -10.61 -0.49
CA THR D 56 -23.37 -10.04 -1.80
C THR D 56 -23.59 -11.19 -2.76
N THR D 57 -24.72 -11.21 -3.46
CA THR D 57 -25.02 -12.31 -4.41
C THR D 57 -25.64 -11.75 -5.67
N TRP D 58 -25.41 -12.47 -6.75
CA TRP D 58 -25.91 -12.11 -8.07
C TRP D 58 -25.77 -13.34 -8.93
N SER D 59 -26.21 -13.22 -10.15
CA SER D 59 -26.23 -14.36 -11.07
C SER D 59 -25.44 -14.01 -12.34
N ASP D 60 -24.62 -14.94 -12.80
CA ASP D 60 -23.93 -14.89 -14.11
C ASP D 60 -24.09 -16.27 -14.76
N ARG D 61 -25.14 -16.42 -15.55
CA ARG D 61 -25.56 -17.75 -16.08
C ARG D 61 -24.57 -18.27 -17.14
N THR D 62 -23.74 -17.45 -17.77
CA THR D 62 -22.69 -17.95 -18.68
C THR D 62 -21.68 -18.86 -17.93
N LEU D 63 -21.62 -18.82 -16.59
CA LEU D 63 -20.59 -19.55 -15.78
C LEU D 63 -21.14 -20.91 -15.37
N ALA D 64 -22.41 -21.19 -15.71
CA ALA D 64 -23.12 -22.40 -15.26
C ALA D 64 -22.44 -23.67 -15.81
N TRP D 65 -22.57 -24.77 -15.09
CA TRP D 65 -22.09 -26.09 -15.55
C TRP D 65 -22.97 -27.20 -15.00
N ASP D 66 -22.89 -28.34 -15.64
CA ASP D 66 -23.59 -29.57 -15.20
C ASP D 66 -22.82 -30.15 -14.00
N SER D 67 -23.39 -30.10 -12.82
CA SER D 67 -22.79 -30.65 -11.57
C SER D 67 -23.42 -31.98 -11.14
N SER D 68 -24.04 -32.74 -12.04
CA SER D 68 -24.63 -34.08 -11.69
C SER D 68 -23.51 -35.00 -11.14
N HIS D 69 -22.34 -35.01 -11.79
CA HIS D 69 -21.13 -35.82 -11.40
C HIS D 69 -19.90 -34.94 -11.20
N SER D 70 -20.08 -33.74 -10.66
CA SER D 70 -19.01 -32.74 -10.40
C SER D 70 -19.34 -31.98 -9.11
N PRO D 71 -18.33 -31.34 -8.49
CA PRO D 71 -18.60 -30.34 -7.46
C PRO D 71 -19.54 -29.25 -7.96
N ASP D 72 -20.47 -28.80 -7.12
CA ASP D 72 -21.53 -27.84 -7.54
C ASP D 72 -21.18 -26.41 -7.14
N GLN D 73 -20.02 -26.24 -6.47
CA GLN D 73 -19.50 -24.95 -5.96
C GLN D 73 -17.97 -24.93 -6.03
N VAL D 74 -17.39 -23.82 -6.40
CA VAL D 74 -15.90 -23.61 -6.25
C VAL D 74 -15.66 -22.22 -5.72
N SER D 75 -14.51 -22.04 -5.09
CA SER D 75 -13.97 -20.73 -4.69
C SER D 75 -13.18 -20.14 -5.85
N VAL D 76 -13.36 -18.84 -6.12
CA VAL D 76 -12.70 -18.17 -7.25
C VAL D 76 -12.20 -16.79 -6.80
N PRO D 77 -10.95 -16.41 -7.14
CA PRO D 77 -10.49 -15.05 -6.83
C PRO D 77 -11.37 -13.99 -7.54
N ILE D 78 -11.72 -12.93 -6.82
CA ILE D 78 -12.66 -11.95 -7.42
C ILE D 78 -12.06 -11.30 -8.68
N SER D 79 -10.76 -11.26 -8.82
CA SER D 79 -10.11 -10.63 -9.99
C SER D 79 -10.44 -11.44 -11.24
N SER D 80 -10.93 -12.68 -11.12
CA SER D 80 -11.33 -13.47 -12.31
C SER D 80 -12.80 -13.29 -12.65
N LEU D 81 -13.56 -12.53 -11.89
CA LEU D 81 -15.02 -12.43 -12.09
C LEU D 81 -15.45 -10.98 -12.24
N TRP D 82 -16.57 -10.74 -12.86
CA TRP D 82 -17.23 -9.46 -12.67
C TRP D 82 -17.75 -9.42 -11.24
N VAL D 83 -17.58 -8.29 -10.58
CA VAL D 83 -18.07 -8.01 -9.22
C VAL D 83 -18.76 -6.67 -9.25
N PRO D 84 -19.92 -6.52 -8.60
CA PRO D 84 -20.57 -5.22 -8.59
C PRO D 84 -19.70 -4.12 -7.97
N ASP D 85 -19.73 -2.92 -8.57
CA ASP D 85 -18.92 -1.76 -8.11
C ASP D 85 -19.66 -1.03 -6.97
N LEU D 86 -19.95 -1.75 -5.90
CA LEU D 86 -20.67 -1.19 -4.75
C LEU D 86 -19.79 -0.18 -4.00
N ALA D 87 -20.41 0.87 -3.47
CA ALA D 87 -19.76 1.80 -2.54
C ALA D 87 -20.74 2.23 -1.45
N ALA D 88 -20.18 2.55 -0.29
CA ALA D 88 -20.95 3.18 0.79
C ALA D 88 -20.93 4.67 0.59
N TYR D 89 -22.04 5.31 0.32
CA TYR D 89 -22.11 6.75 -0.05
C TYR D 89 -21.67 7.68 1.10
N ASN D 90 -21.78 7.25 2.36
CA ASN D 90 -21.47 8.12 3.54
C ASN D 90 -20.18 7.59 4.22
N ALA D 91 -19.37 6.80 3.54
CA ALA D 91 -18.08 6.32 4.06
C ALA D 91 -17.10 7.49 4.13
N ILE D 92 -16.28 7.54 5.15
CA ILE D 92 -15.21 8.57 5.20
C ILE D 92 -13.84 7.89 5.29
N SER D 93 -13.76 6.60 5.06
CA SER D 93 -12.44 5.90 4.92
C SER D 93 -12.63 4.84 3.85
N LYS D 94 -11.54 4.32 3.33
CA LYS D 94 -11.68 3.27 2.31
C LYS D 94 -12.09 2.01 3.04
N PRO D 95 -12.84 1.12 2.35
CA PRO D 95 -13.17 -0.17 2.96
C PRO D 95 -11.90 -1.02 3.14
N GLU D 96 -11.57 -1.42 4.36
CA GLU D 96 -10.45 -2.33 4.66
C GLU D 96 -11.04 -3.75 4.63
N VAL D 97 -10.71 -4.52 3.61
CA VAL D 97 -11.18 -5.93 3.50
C VAL D 97 -10.31 -6.84 4.37
N LEU D 98 -10.92 -7.51 5.34
CA LEU D 98 -10.18 -8.30 6.37
C LEU D 98 -10.07 -9.76 5.96
N THR D 99 -10.77 -10.20 4.93
CA THR D 99 -10.86 -11.64 4.59
C THR D 99 -10.25 -11.87 3.22
N PRO D 100 -9.94 -13.14 2.89
CA PRO D 100 -9.46 -13.45 1.54
C PRO D 100 -10.52 -13.08 0.49
N GLN D 101 -10.05 -12.53 -0.60
CA GLN D 101 -10.85 -11.93 -1.67
C GLN D 101 -11.21 -13.03 -2.67
N LEU D 102 -12.01 -13.98 -2.16
CA LEU D 102 -12.52 -15.10 -2.95
C LEU D 102 -14.04 -15.03 -2.94
N ALA D 103 -14.63 -15.33 -4.07
CA ALA D 103 -16.07 -15.53 -4.26
C ALA D 103 -16.34 -17.02 -4.39
N ARG D 104 -17.58 -17.43 -4.18
CA ARG D 104 -18.09 -18.76 -4.48
C ARG D 104 -18.93 -18.66 -5.76
N VAL D 105 -18.67 -19.59 -6.66
CA VAL D 105 -19.50 -19.75 -7.87
C VAL D 105 -20.25 -21.07 -7.77
N VAL D 106 -21.56 -21.00 -7.90
CA VAL D 106 -22.48 -22.17 -7.86
C VAL D 106 -22.76 -22.64 -9.29
N SER D 107 -23.03 -23.93 -9.45
CA SER D 107 -23.14 -24.60 -10.78
C SER D 107 -24.29 -24.02 -11.61
N ASP D 108 -25.29 -23.41 -10.98
CA ASP D 108 -26.42 -22.73 -11.71
C ASP D 108 -26.02 -21.28 -12.13
N GLY D 109 -24.82 -20.82 -11.83
CA GLY D 109 -24.38 -19.48 -12.25
C GLY D 109 -24.58 -18.41 -11.18
N GLU D 110 -24.93 -18.80 -9.97
CA GLU D 110 -25.00 -17.86 -8.83
C GLU D 110 -23.57 -17.54 -8.34
N VAL D 111 -23.34 -16.27 -8.05
CA VAL D 111 -22.04 -15.85 -7.49
C VAL D 111 -22.27 -15.22 -6.10
N LEU D 112 -21.38 -15.52 -5.18
CA LEU D 112 -21.51 -15.14 -3.78
C LEU D 112 -20.17 -14.57 -3.33
N TYR D 113 -20.18 -13.36 -2.80
CA TYR D 113 -18.97 -12.68 -2.27
C TYR D 113 -19.32 -12.07 -0.92
N VAL D 114 -18.53 -12.43 0.11
CA VAL D 114 -18.82 -12.03 1.51
C VAL D 114 -17.57 -11.47 2.16
N PRO D 115 -17.15 -10.25 1.76
CA PRO D 115 -16.00 -9.66 2.44
C PRO D 115 -16.38 -9.14 3.81
N SER D 116 -15.43 -9.32 4.73
CA SER D 116 -15.42 -8.67 6.05
C SER D 116 -14.81 -7.29 5.88
N ILE D 117 -15.57 -6.28 6.22
CA ILE D 117 -15.13 -4.90 5.96
C ILE D 117 -15.12 -4.15 7.28
N ARG D 118 -14.03 -3.46 7.48
CA ARG D 118 -13.91 -2.43 8.52
C ARG D 118 -13.85 -1.07 7.82
N GLN D 119 -14.73 -0.17 8.23
CA GLN D 119 -14.85 1.12 7.57
C GLN D 119 -15.48 2.12 8.52
N ARG D 120 -15.20 3.38 8.21
CA ARG D 120 -15.63 4.53 9.03
C ARG D 120 -16.74 5.29 8.30
N PHE D 121 -17.81 5.65 9.01
CA PHE D 121 -18.97 6.32 8.41
C PHE D 121 -19.29 7.61 9.16
N SER D 122 -19.86 8.52 8.38
CA SER D 122 -20.47 9.77 8.83
C SER D 122 -21.96 9.47 8.98
N CYS D 123 -22.45 9.51 10.22
CA CYS D 123 -23.87 9.21 10.45
C CYS D 123 -24.31 9.74 11.80
N ASP D 124 -25.60 9.64 12.05
CA ASP D 124 -26.22 10.22 13.26
C ASP D 124 -25.88 9.37 14.49
N VAL D 125 -25.05 9.91 15.38
CA VAL D 125 -24.61 9.17 16.59
C VAL D 125 -25.35 9.71 17.83
N SER D 126 -26.18 10.75 17.69
CA SER D 126 -26.92 11.31 18.84
C SER D 126 -27.79 10.21 19.48
N GLY D 127 -27.84 10.18 20.80
CA GLY D 127 -28.68 9.25 21.58
C GLY D 127 -27.99 7.93 21.87
N VAL D 128 -26.71 7.77 21.51
CA VAL D 128 -25.99 6.48 21.71
C VAL D 128 -25.89 6.12 23.19
N ASP D 129 -25.81 7.11 24.09
CA ASP D 129 -25.68 6.86 25.54
C ASP D 129 -27.07 6.86 26.20
N THR D 130 -28.14 6.82 25.42
CA THR D 130 -29.54 6.74 25.92
C THR D 130 -30.07 5.33 25.78
N GLU D 131 -31.25 5.08 26.34
CA GLU D 131 -31.95 3.77 26.32
C GLU D 131 -32.46 3.46 24.90
N SER D 132 -32.90 4.48 24.16
CA SER D 132 -33.46 4.32 22.79
C SER D 132 -32.30 4.14 21.78
N GLY D 133 -31.12 4.68 22.10
CA GLY D 133 -29.89 4.49 21.30
C GLY D 133 -29.76 5.48 20.15
N ALA D 134 -28.70 5.32 19.36
CA ALA D 134 -28.48 6.08 18.11
C ALA D 134 -28.98 5.23 16.94
N THR D 135 -29.40 5.89 15.87
CA THR D 135 -29.72 5.21 14.59
C THR D 135 -28.76 5.73 13.52
N CYS D 136 -27.80 4.92 13.14
CA CYS D 136 -26.76 5.25 12.14
C CYS D 136 -27.20 4.62 10.79
N ARG D 137 -27.45 5.44 9.77
CA ARG D 137 -27.88 4.96 8.43
C ARG D 137 -26.66 4.84 7.50
N ILE D 138 -26.45 3.67 6.92
CA ILE D 138 -25.37 3.36 5.94
C ILE D 138 -26.01 3.08 4.58
N LYS D 139 -25.55 3.79 3.55
CA LYS D 139 -26.13 3.67 2.20
C LYS D 139 -25.11 3.01 1.26
N ILE D 140 -25.49 1.89 0.69
CA ILE D 140 -24.62 1.05 -0.19
C ILE D 140 -25.29 0.84 -1.54
N GLY D 141 -24.65 1.29 -2.61
CA GLY D 141 -25.16 1.09 -3.98
C GLY D 141 -24.04 1.07 -4.99
N SER D 142 -24.37 0.77 -6.24
CA SER D 142 -23.45 0.90 -7.36
C SER D 142 -23.00 2.36 -7.47
N TRP D 143 -21.73 2.54 -7.78
CA TRP D 143 -21.14 3.89 -7.94
C TRP D 143 -21.41 4.36 -9.37
N THR D 144 -21.28 3.48 -10.36
CA THR D 144 -21.30 3.89 -11.78
C THR D 144 -22.47 3.31 -12.57
N HIS D 145 -23.20 2.34 -12.05
CA HIS D 145 -24.28 1.69 -12.82
C HIS D 145 -25.62 2.13 -12.27
N HIS D 146 -26.40 2.82 -13.08
CA HIS D 146 -27.78 3.24 -12.71
C HIS D 146 -28.74 2.04 -12.70
N SER D 147 -29.99 2.28 -12.30
CA SER D 147 -31.07 1.31 -11.95
C SER D 147 -31.41 0.37 -13.12
N ARG D 148 -31.16 0.80 -14.35
CA ARG D 148 -31.39 -0.02 -15.56
C ARG D 148 -30.25 -1.01 -15.84
N GLU D 149 -29.09 -0.87 -15.17
CA GLU D 149 -27.93 -1.80 -15.31
C GLU D 149 -27.76 -2.63 -14.04
N ILE D 150 -27.90 -2.02 -12.88
CA ILE D 150 -27.82 -2.77 -11.59
C ILE D 150 -28.98 -2.39 -10.70
N SER D 151 -29.67 -3.41 -10.23
CA SER D 151 -30.70 -3.25 -9.18
C SER D 151 -30.14 -3.86 -7.90
N VAL D 152 -30.37 -3.19 -6.78
CA VAL D 152 -29.89 -3.69 -5.46
C VAL D 152 -31.10 -4.00 -4.61
N ASP D 153 -31.09 -5.17 -4.01
CA ASP D 153 -32.23 -5.73 -3.21
C ASP D 153 -31.72 -6.25 -1.87
N PRO D 154 -32.23 -5.76 -0.72
CA PRO D 154 -31.80 -6.32 0.56
C PRO D 154 -32.49 -7.65 0.86
N THR D 155 -31.86 -8.52 1.66
CA THR D 155 -32.51 -9.77 2.17
C THR D 155 -32.67 -9.65 3.70
N SER D 162 -27.47 -10.09 15.50
CA SER D 162 -27.58 -10.65 16.88
C SER D 162 -26.88 -12.02 16.99
N GLU D 163 -27.05 -12.87 15.98
CA GLU D 163 -26.28 -14.13 15.86
C GLU D 163 -24.80 -13.85 15.54
N TYR D 164 -24.50 -12.71 14.93
CA TYR D 164 -23.14 -12.40 14.37
C TYR D 164 -22.39 -11.37 15.23
N PHE D 165 -23.13 -10.49 15.90
CA PHE D 165 -22.54 -9.35 16.64
C PHE D 165 -21.72 -9.87 17.82
N SER D 166 -20.52 -9.33 17.98
CA SER D 166 -19.58 -9.72 19.04
C SER D 166 -20.20 -9.39 20.41
N GLN D 167 -20.20 -10.35 21.31
CA GLN D 167 -20.66 -10.11 22.70
C GLN D 167 -19.67 -9.21 23.46
N TYR D 168 -18.51 -8.90 22.90
CA TYR D 168 -17.41 -8.19 23.63
C TYR D 168 -17.35 -6.71 23.25
N SER D 169 -18.18 -6.30 22.31
CA SER D 169 -18.35 -4.86 22.00
C SER D 169 -18.78 -4.11 23.28
N ARG D 170 -18.33 -2.88 23.44
CA ARG D 170 -18.89 -1.88 24.40
C ARG D 170 -20.34 -1.54 24.05
N PHE D 171 -20.74 -1.78 22.81
CA PHE D 171 -22.08 -1.43 22.29
C PHE D 171 -22.92 -2.69 22.13
N GLU D 172 -24.20 -2.46 21.96
CA GLU D 172 -25.26 -3.50 21.82
C GLU D 172 -26.13 -3.07 20.65
N ILE D 173 -26.58 -4.03 19.85
CA ILE D 173 -27.51 -3.74 18.73
C ILE D 173 -28.94 -3.93 19.21
N LEU D 174 -29.77 -2.90 19.07
CA LEU D 174 -31.21 -2.99 19.36
C LEU D 174 -31.92 -3.51 18.12
N ASP D 175 -31.55 -3.01 16.93
CA ASP D 175 -32.28 -3.33 15.69
C ASP D 175 -31.49 -2.92 14.43
N VAL D 176 -31.59 -3.73 13.39
CA VAL D 176 -31.00 -3.44 12.05
C VAL D 176 -32.12 -3.56 11.02
N THR D 177 -32.32 -2.50 10.28
CA THR D 177 -33.35 -2.40 9.22
C THR D 177 -32.65 -2.21 7.88
N GLN D 178 -33.01 -3.00 6.87
CA GLN D 178 -32.39 -2.94 5.53
C GLN D 178 -33.52 -2.71 4.54
N LYS D 179 -33.49 -1.55 3.91
CA LYS D 179 -34.60 -1.10 3.05
C LYS D 179 -34.01 -0.68 1.70
N LYS D 180 -34.66 -1.14 0.65
CA LYS D 180 -34.38 -0.71 -0.71
C LYS D 180 -34.54 0.80 -0.77
N ASN D 181 -33.80 1.45 -1.64
CA ASN D 181 -33.86 2.92 -1.78
C ASN D 181 -33.22 3.28 -3.11
N SER D 182 -33.35 4.53 -3.50
CA SER D 182 -32.75 5.06 -4.75
C SER D 182 -32.19 6.46 -4.47
N VAL D 183 -31.04 6.74 -5.06
CA VAL D 183 -30.35 8.05 -4.93
C VAL D 183 -30.38 8.73 -6.29
N THR D 184 -30.67 10.03 -6.28
CA THR D 184 -30.68 10.86 -7.52
C THR D 184 -30.12 12.23 -7.14
N TYR D 185 -29.33 12.81 -8.04
CA TYR D 185 -28.77 14.17 -7.89
C TYR D 185 -29.18 14.98 -9.12
N SER D 186 -29.12 16.31 -9.00
CA SER D 186 -29.14 17.28 -10.14
C SER D 186 -28.03 16.96 -11.17
N CYS D 187 -26.93 16.32 -10.74
CA CYS D 187 -25.74 15.91 -11.55
C CYS D 187 -26.08 14.97 -12.71
N CYS D 188 -27.15 14.17 -12.57
CA CYS D 188 -27.39 12.98 -13.41
C CYS D 188 -28.89 12.91 -13.71
N PRO D 189 -29.32 12.55 -14.94
CA PRO D 189 -30.72 12.22 -15.18
C PRO D 189 -31.12 10.87 -14.57
N GLU D 190 -30.13 9.98 -14.35
CA GLU D 190 -30.47 8.61 -13.90
C GLU D 190 -30.49 8.45 -12.38
N ALA D 191 -31.06 7.33 -11.94
CA ALA D 191 -31.22 6.92 -10.53
C ALA D 191 -30.28 5.76 -10.21
N TYR D 192 -29.69 5.78 -9.03
CA TYR D 192 -28.76 4.74 -8.54
C TYR D 192 -29.45 4.05 -7.38
N GLU D 193 -29.65 2.75 -7.50
CA GLU D 193 -30.33 2.00 -6.43
C GLU D 193 -29.32 1.81 -5.31
N ASP D 194 -29.85 1.83 -4.09
CA ASP D 194 -29.01 1.48 -2.94
C ASP D 194 -29.80 0.65 -1.93
N VAL D 195 -29.05 0.06 -1.01
CA VAL D 195 -29.62 -0.43 0.27
C VAL D 195 -29.30 0.58 1.36
N GLU D 196 -30.31 0.89 2.15
CA GLU D 196 -30.23 1.77 3.32
C GLU D 196 -30.27 0.87 4.54
N VAL D 197 -29.18 0.87 5.30
CA VAL D 197 -29.04 0.02 6.49
C VAL D 197 -29.12 0.93 7.71
N SER D 198 -30.16 0.76 8.51
CA SER D 198 -30.39 1.52 9.75
C SER D 198 -29.90 0.70 10.93
N LEU D 199 -28.81 1.13 11.53
CA LEU D 199 -28.21 0.44 12.70
C LEU D 199 -28.61 1.22 13.94
N ASN D 200 -29.55 0.66 14.69
CA ASN D 200 -30.02 1.19 15.98
C ASN D 200 -29.23 0.45 17.06
N PHE D 201 -28.37 1.18 17.75
CA PHE D 201 -27.46 0.58 18.77
C PHE D 201 -27.28 1.55 19.93
N ARG D 202 -26.71 1.06 21.02
CA ARG D 202 -26.40 1.91 22.19
C ARG D 202 -25.23 1.34 22.98
N LYS D 203 -24.65 2.19 23.80
CA LYS D 203 -23.60 1.78 24.75
C LYS D 203 -24.27 0.90 25.79
N LYS D 204 -23.59 -0.15 26.22
CA LYS D 204 -24.12 -1.13 27.21
C LYS D 204 -24.35 -0.47 28.56
N ALA E 1 -23.69 -4.99 -31.63
CA ALA E 1 -22.60 -5.02 -30.62
C ALA E 1 -23.19 -5.05 -29.20
N ASP E 2 -22.59 -5.83 -28.28
CA ASP E 2 -22.98 -5.90 -26.85
C ASP E 2 -21.91 -5.17 -26.03
N ARG E 3 -22.02 -5.19 -24.72
CA ARG E 3 -21.09 -4.46 -23.85
C ARG E 3 -19.69 -5.03 -24.04
N ALA E 4 -19.57 -6.35 -24.17
CA ALA E 4 -18.27 -7.03 -24.32
C ALA E 4 -17.56 -6.44 -25.54
N ASP E 5 -18.26 -6.37 -26.66
CA ASP E 5 -17.70 -5.84 -27.93
C ASP E 5 -17.30 -4.38 -27.73
N ILE E 6 -18.11 -3.57 -27.05
CA ILE E 6 -17.77 -2.12 -26.88
C ILE E 6 -16.50 -2.01 -26.04
N LEU E 7 -16.42 -2.78 -24.97
CA LEU E 7 -15.25 -2.75 -24.07
C LEU E 7 -14.02 -3.27 -24.82
N TYR E 8 -14.15 -4.33 -25.60
CA TYR E 8 -13.02 -4.87 -26.41
C TYR E 8 -12.50 -3.79 -27.37
N ASN E 9 -13.40 -3.09 -28.05
CA ASN E 9 -12.99 -2.07 -29.05
C ASN E 9 -12.30 -0.89 -28.34
N ILE E 10 -12.81 -0.52 -27.18
CA ILE E 10 -12.18 0.53 -26.33
C ILE E 10 -10.77 0.07 -25.97
N ARG E 11 -10.59 -1.17 -25.55
CA ARG E 11 -9.24 -1.69 -25.18
C ARG E 11 -8.30 -1.68 -26.38
N GLN E 12 -8.78 -2.01 -27.57
CA GLN E 12 -7.92 -1.99 -28.78
C GLN E 12 -7.55 -0.57 -29.12
N THR E 13 -8.42 0.41 -28.86
CA THR E 13 -8.25 1.77 -29.43
C THR E 13 -7.59 2.72 -28.42
N SER E 14 -7.92 2.55 -27.15
CA SER E 14 -7.51 3.47 -26.08
C SER E 14 -6.00 3.34 -25.83
N ARG E 15 -5.35 4.45 -25.63
CA ARG E 15 -3.91 4.55 -25.28
C ARG E 15 -3.85 5.34 -24.00
N PRO E 16 -3.83 4.65 -22.86
CA PRO E 16 -3.97 5.32 -21.57
C PRO E 16 -2.86 6.35 -21.30
N ASP E 17 -1.74 6.27 -22.00
CA ASP E 17 -0.61 7.18 -21.71
C ASP E 17 -0.64 8.36 -22.69
N VAL E 18 -1.56 8.39 -23.64
CA VAL E 18 -1.54 9.41 -24.72
C VAL E 18 -2.71 10.37 -24.56
N ILE E 19 -2.39 11.62 -24.37
CA ILE E 19 -3.44 12.67 -24.28
C ILE E 19 -4.24 12.68 -25.58
N PRO E 20 -5.57 12.61 -25.54
CA PRO E 20 -6.36 12.55 -26.80
C PRO E 20 -6.61 13.92 -27.45
N THR E 21 -5.54 14.62 -27.81
CA THR E 21 -5.64 15.95 -28.45
C THR E 21 -6.30 15.77 -29.82
N GLN E 22 -7.38 16.50 -30.02
CA GLN E 22 -8.21 16.55 -31.25
C GLN E 22 -7.72 17.70 -32.15
N ARG E 23 -7.20 17.39 -33.33
CA ARG E 23 -6.23 18.26 -34.06
C ARG E 23 -5.00 18.47 -33.15
N ASP E 24 -4.60 19.72 -32.94
CA ASP E 24 -3.61 20.05 -31.87
C ASP E 24 -4.28 20.95 -30.84
N ARG E 25 -5.55 20.76 -30.55
CA ARG E 25 -6.31 21.60 -29.58
C ARG E 25 -6.05 21.07 -28.18
N PRO E 26 -5.95 21.92 -27.15
CA PRO E 26 -5.91 21.44 -25.77
C PRO E 26 -7.14 20.58 -25.52
N VAL E 27 -6.96 19.52 -24.73
CA VAL E 27 -8.11 18.73 -24.22
C VAL E 27 -8.77 19.54 -23.13
N ALA E 28 -10.04 19.83 -23.35
CA ALA E 28 -10.92 20.55 -22.41
C ALA E 28 -11.36 19.57 -21.33
N VAL E 29 -10.88 19.76 -20.11
CA VAL E 29 -11.23 18.92 -18.94
C VAL E 29 -12.12 19.78 -18.05
N SER E 30 -13.31 19.25 -17.75
CA SER E 30 -14.27 19.90 -16.84
C SER E 30 -14.11 19.30 -15.45
N VAL E 31 -13.91 20.14 -14.45
CA VAL E 31 -13.77 19.69 -13.06
C VAL E 31 -14.76 20.45 -12.18
N SER E 32 -15.45 19.71 -11.34
CA SER E 32 -16.52 20.21 -10.46
C SER E 32 -16.45 19.42 -9.13
N LEU E 33 -16.06 20.08 -8.03
CA LEU E 33 -15.99 19.40 -6.71
C LEU E 33 -17.34 19.51 -6.02
N LYS E 34 -17.83 18.42 -5.47
CA LYS E 34 -19.03 18.39 -4.59
C LYS E 34 -18.55 17.96 -3.20
N PHE E 35 -18.64 18.88 -2.25
CA PHE E 35 -18.15 18.64 -0.89
C PHE E 35 -19.13 17.75 -0.15
N ILE E 36 -18.63 16.68 0.44
CA ILE E 36 -19.43 15.67 1.19
C ILE E 36 -19.21 15.81 2.69
N ASN E 37 -17.99 16.00 3.11
CA ASN E 37 -17.69 16.09 4.55
C ASN E 37 -16.41 16.88 4.76
N ILE E 38 -16.37 17.52 5.89
CA ILE E 38 -15.17 18.19 6.45
C ILE E 38 -14.90 17.51 7.78
N LEU E 39 -13.77 16.82 7.89
CA LEU E 39 -13.54 15.85 8.99
C LEU E 39 -12.68 16.44 10.08
N GLU E 40 -11.70 17.24 9.72
CA GLU E 40 -10.65 17.66 10.68
C GLU E 40 -10.18 19.01 10.17
N VAL E 41 -10.18 19.97 11.04
CA VAL E 41 -9.80 21.35 10.74
C VAL E 41 -8.81 21.76 11.84
N ASN E 42 -7.70 22.35 11.50
CA ASN E 42 -6.73 22.82 12.52
C ASN E 42 -6.44 24.27 12.23
N GLU E 43 -6.92 25.17 13.06
CA GLU E 43 -6.84 26.64 12.87
C GLU E 43 -5.41 27.10 13.19
N ILE E 44 -4.68 26.36 14.01
CA ILE E 44 -3.27 26.69 14.32
C ILE E 44 -2.36 26.30 13.16
N THR E 45 -2.48 25.10 12.59
CA THR E 45 -1.60 24.65 11.49
C THR E 45 -2.19 25.04 10.12
N ASN E 46 -3.44 25.50 10.07
CA ASN E 46 -4.09 25.85 8.77
C ASN E 46 -4.12 24.61 7.86
N GLU E 47 -4.67 23.54 8.37
CA GLU E 47 -4.87 22.28 7.65
C GLU E 47 -6.32 21.85 7.78
N VAL E 48 -6.82 21.27 6.71
CA VAL E 48 -8.18 20.67 6.64
C VAL E 48 -8.07 19.31 5.97
N ASP E 49 -8.91 18.42 6.43
CA ASP E 49 -9.12 17.07 5.90
C ASP E 49 -10.56 17.04 5.37
N VAL E 50 -10.71 16.88 4.07
CA VAL E 50 -12.08 16.92 3.46
C VAL E 50 -12.33 15.65 2.63
N VAL E 51 -13.61 15.31 2.49
CA VAL E 51 -14.12 14.35 1.48
C VAL E 51 -14.91 15.11 0.42
N PHE E 52 -14.59 14.87 -0.84
CA PHE E 52 -15.34 15.46 -1.96
C PHE E 52 -15.42 14.47 -3.10
N TRP E 53 -16.50 14.66 -3.89
CA TRP E 53 -16.71 13.94 -5.16
C TRP E 53 -16.21 14.85 -6.27
N GLN E 54 -15.21 14.40 -7.02
CA GLN E 54 -14.60 15.23 -8.08
C GLN E 54 -15.17 14.81 -9.45
N ARG E 55 -16.22 15.49 -9.89
CA ARG E 55 -16.83 15.18 -11.19
C ARG E 55 -15.92 15.72 -12.29
N THR E 56 -15.38 14.80 -13.08
CA THR E 56 -14.32 15.08 -14.07
C THR E 56 -14.81 14.56 -15.42
N THR E 57 -14.81 15.40 -16.43
CA THR E 57 -15.29 15.00 -17.78
C THR E 57 -14.38 15.61 -18.83
N TRP E 58 -14.33 14.89 -19.93
CA TRP E 58 -13.51 15.28 -21.09
C TRP E 58 -13.99 14.41 -22.24
N SER E 59 -13.42 14.63 -23.38
CA SER E 59 -13.83 13.93 -24.60
C SER E 59 -12.60 13.20 -25.20
N ASP E 60 -12.79 11.96 -25.60
CA ASP E 60 -11.80 11.15 -26.37
C ASP E 60 -12.55 10.52 -27.55
N ARG E 61 -12.52 11.20 -28.69
CA ARG E 61 -13.36 10.87 -29.86
C ARG E 61 -12.94 9.55 -30.52
N THR E 62 -11.72 9.08 -30.35
CA THR E 62 -11.29 7.77 -30.91
C THR E 62 -12.07 6.62 -30.24
N LEU E 63 -12.73 6.84 -29.09
CA LEU E 63 -13.41 5.76 -28.32
C LEU E 63 -14.85 5.65 -28.82
N ALA E 64 -15.26 6.53 -29.73
CA ALA E 64 -16.65 6.64 -30.18
C ALA E 64 -17.08 5.33 -30.86
N TRP E 65 -18.36 5.02 -30.77
CA TRP E 65 -18.93 3.87 -31.50
C TRP E 65 -20.36 4.21 -31.90
N ASP E 66 -20.83 3.47 -32.89
CA ASP E 66 -22.23 3.57 -33.36
C ASP E 66 -23.10 2.84 -32.33
N SER E 67 -23.92 3.59 -31.60
CA SER E 67 -24.86 3.06 -30.57
C SER E 67 -26.31 3.07 -31.06
N SER E 68 -26.56 3.04 -32.37
CA SER E 68 -27.93 2.97 -32.93
C SER E 68 -28.63 1.71 -32.39
N HIS E 69 -27.93 0.56 -32.36
CA HIS E 69 -28.46 -0.76 -31.92
C HIS E 69 -27.51 -1.36 -30.88
N SER E 70 -26.88 -0.51 -30.06
CA SER E 70 -25.97 -0.89 -28.97
C SER E 70 -26.21 0.01 -27.76
N PRO E 71 -25.77 -0.42 -26.55
CA PRO E 71 -25.77 0.48 -25.40
C PRO E 71 -24.94 1.72 -25.71
N ASP E 72 -25.35 2.90 -25.23
CA ASP E 72 -24.67 4.17 -25.59
C ASP E 72 -23.69 4.60 -24.49
N GLN E 73 -23.56 3.81 -23.42
CA GLN E 73 -22.71 4.07 -22.24
C GLN E 73 -22.22 2.76 -21.64
N VAL E 74 -20.95 2.70 -21.26
CA VAL E 74 -20.44 1.56 -20.47
C VAL E 74 -19.56 2.12 -19.35
N SER E 75 -19.42 1.33 -18.30
CA SER E 75 -18.43 1.50 -17.22
C SER E 75 -17.11 0.86 -17.63
N VAL E 76 -15.99 1.55 -17.39
CA VAL E 76 -14.65 1.07 -17.82
C VAL E 76 -13.66 1.35 -16.70
N PRO E 77 -12.77 0.40 -16.35
CA PRO E 77 -11.72 0.69 -15.37
C PRO E 77 -10.81 1.80 -15.90
N ILE E 78 -10.44 2.72 -15.03
CA ILE E 78 -9.65 3.88 -15.51
C ILE E 78 -8.28 3.42 -16.05
N SER E 79 -7.80 2.25 -15.65
CA SER E 79 -6.49 1.75 -16.12
C SER E 79 -6.58 1.45 -17.61
N SER E 80 -7.77 1.32 -18.19
CA SER E 80 -7.87 1.12 -19.65
C SER E 80 -7.98 2.45 -20.41
N LEU E 81 -7.95 3.62 -19.77
CA LEU E 81 -8.24 4.90 -20.46
C LEU E 81 -7.18 5.92 -20.14
N TRP E 82 -7.03 6.90 -21.00
CA TRP E 82 -6.30 8.10 -20.59
C TRP E 82 -7.17 8.83 -19.58
N VAL E 83 -6.54 9.33 -18.53
CA VAL E 83 -7.19 10.12 -17.46
C VAL E 83 -6.31 11.33 -17.26
N PRO E 84 -6.87 12.52 -17.07
CA PRO E 84 -6.03 13.68 -16.82
C PRO E 84 -5.19 13.54 -15.52
N ASP E 85 -3.95 14.02 -15.59
CA ASP E 85 -2.97 13.96 -14.49
C ASP E 85 -3.24 15.14 -13.54
N LEU E 86 -4.45 15.22 -13.00
CA LEU E 86 -4.83 16.36 -12.13
C LEU E 86 -4.15 16.24 -10.77
N ALA E 87 -3.73 17.36 -10.19
CA ALA E 87 -3.30 17.40 -8.81
C ALA E 87 -3.84 18.66 -8.12
N ALA E 88 -4.03 18.54 -6.82
CA ALA E 88 -4.28 19.69 -5.95
C ALA E 88 -2.93 20.30 -5.55
N TYR E 89 -2.64 21.52 -5.96
CA TYR E 89 -1.32 22.16 -5.76
C TYR E 89 -1.03 22.43 -4.26
N ASN E 90 -2.04 22.52 -3.39
CA ASN E 90 -1.84 22.82 -1.96
C ASN E 90 -2.18 21.57 -1.12
N ALA E 91 -2.22 20.37 -1.71
CA ALA E 91 -2.47 19.14 -0.97
C ALA E 91 -1.25 18.82 -0.12
N ILE E 92 -1.46 18.27 1.08
CA ILE E 92 -0.32 17.80 1.87
C ILE E 92 -0.45 16.32 2.15
N SER E 93 -1.35 15.63 1.46
CA SER E 93 -1.47 14.15 1.54
C SER E 93 -1.83 13.67 0.17
N LYS E 94 -1.58 12.41 -0.10
CA LYS E 94 -1.98 11.75 -1.36
C LYS E 94 -3.48 11.75 -1.40
N PRO E 95 -4.11 11.86 -2.58
CA PRO E 95 -5.56 11.69 -2.66
C PRO E 95 -5.94 10.23 -2.36
N GLU E 96 -6.76 9.98 -1.35
CA GLU E 96 -7.30 8.63 -1.02
C GLU E 96 -8.60 8.47 -1.82
N VAL E 97 -8.61 7.66 -2.87
CA VAL E 97 -9.83 7.33 -3.62
C VAL E 97 -10.68 6.29 -2.87
N LEU E 98 -11.89 6.65 -2.50
CA LEU E 98 -12.79 5.83 -1.63
C LEU E 98 -13.77 5.01 -2.47
N THR E 99 -13.87 5.23 -3.77
CA THR E 99 -14.89 4.56 -4.61
C THR E 99 -14.20 3.65 -5.63
N PRO E 100 -14.96 2.78 -6.30
CA PRO E 100 -14.39 2.01 -7.40
C PRO E 100 -13.87 2.91 -8.50
N GLN E 101 -12.70 2.55 -9.03
CA GLN E 101 -11.97 3.35 -10.02
C GLN E 101 -12.49 3.01 -11.41
N LEU E 102 -13.75 3.37 -11.65
CA LEU E 102 -14.44 3.13 -12.94
C LEU E 102 -14.87 4.48 -13.50
N ALA E 103 -14.73 4.61 -14.79
CA ALA E 103 -15.21 5.76 -15.58
C ALA E 103 -16.42 5.29 -16.39
N ARG E 104 -17.24 6.24 -16.84
CA ARG E 104 -18.27 6.01 -17.84
C ARG E 104 -17.84 6.59 -19.17
N VAL E 105 -17.96 5.79 -20.20
CA VAL E 105 -17.65 6.21 -21.58
C VAL E 105 -18.96 6.22 -22.34
N VAL E 106 -19.25 7.37 -22.95
CA VAL E 106 -20.44 7.58 -23.82
C VAL E 106 -20.06 7.30 -25.27
N SER E 107 -21.02 6.83 -26.07
CA SER E 107 -20.81 6.38 -27.47
C SER E 107 -20.25 7.50 -28.35
N ASP E 108 -20.46 8.75 -28.00
CA ASP E 108 -19.90 9.92 -28.75
C ASP E 108 -18.45 10.21 -28.30
N GLY E 109 -17.88 9.47 -27.38
CA GLY E 109 -16.48 9.67 -26.93
C GLY E 109 -16.34 10.55 -25.70
N GLU E 110 -17.43 10.89 -25.04
CA GLU E 110 -17.37 11.63 -23.76
C GLU E 110 -16.97 10.66 -22.61
N VAL E 111 -16.07 11.09 -21.74
CA VAL E 111 -15.63 10.28 -20.60
C VAL E 111 -15.95 11.02 -19.30
N LEU E 112 -16.45 10.29 -18.34
CA LEU E 112 -16.88 10.81 -17.03
C LEU E 112 -16.24 9.94 -15.95
N TYR E 113 -15.54 10.59 -15.03
CA TYR E 113 -14.91 9.94 -13.86
C TYR E 113 -15.23 10.78 -12.61
N VAL E 114 -15.79 10.12 -11.61
CA VAL E 114 -16.25 10.78 -10.37
C VAL E 114 -15.72 10.05 -9.15
N PRO E 115 -14.41 10.18 -8.87
CA PRO E 115 -13.91 9.63 -7.62
C PRO E 115 -14.37 10.42 -6.43
N SER E 116 -14.58 9.70 -5.35
CA SER E 116 -14.72 10.23 -3.99
C SER E 116 -13.33 10.26 -3.40
N ILE E 117 -12.94 11.42 -2.96
CA ILE E 117 -11.56 11.66 -2.53
C ILE E 117 -11.58 12.22 -1.14
N ARG E 118 -10.73 11.64 -0.33
CA ARG E 118 -10.39 12.17 1.00
C ARG E 118 -8.95 12.66 0.93
N GLN E 119 -8.76 13.91 1.30
CA GLN E 119 -7.43 14.51 1.17
C GLN E 119 -7.29 15.68 2.14
N ARG E 120 -6.04 15.97 2.42
CA ARG E 120 -5.65 16.98 3.41
C ARG E 120 -4.99 18.14 2.67
N PHE E 121 -5.37 19.36 3.03
CA PHE E 121 -4.88 20.58 2.36
C PHE E 121 -4.32 21.56 3.40
N SER E 122 -3.39 22.36 2.87
CA SER E 122 -2.85 23.58 3.49
C SER E 122 -3.65 24.74 2.96
N CYS E 123 -4.42 25.39 3.82
CA CYS E 123 -5.21 26.56 3.36
C CYS E 123 -5.65 27.40 4.56
N ASP E 124 -6.25 28.54 4.28
CA ASP E 124 -6.63 29.53 5.30
C ASP E 124 -7.83 29.05 6.11
N VAL E 125 -7.58 28.72 7.36
CA VAL E 125 -8.63 28.17 8.27
C VAL E 125 -9.08 29.25 9.28
N SER E 126 -8.44 30.40 9.28
CA SER E 126 -8.83 31.50 10.21
C SER E 126 -10.31 31.86 9.98
N GLY E 127 -11.01 32.10 11.07
CA GLY E 127 -12.43 32.52 11.07
C GLY E 127 -13.40 31.35 11.06
N VAL E 128 -12.93 30.11 11.15
CA VAL E 128 -13.83 28.92 11.10
C VAL E 128 -14.82 28.91 12.26
N ASP E 129 -14.44 29.44 13.43
CA ASP E 129 -15.30 29.45 14.64
C ASP E 129 -16.03 30.79 14.72
N THR E 130 -16.07 31.56 13.64
CA THR E 130 -16.85 32.81 13.53
C THR E 130 -18.12 32.57 12.70
N GLU E 131 -18.98 33.57 12.67
CA GLU E 131 -20.25 33.53 11.91
C GLU E 131 -19.98 33.62 10.40
N SER E 132 -18.96 34.37 9.97
CA SER E 132 -18.69 34.55 8.53
C SER E 132 -17.82 33.38 8.02
N GLY E 133 -17.19 32.61 8.92
CA GLY E 133 -16.52 31.34 8.60
C GLY E 133 -15.11 31.51 8.05
N ALA E 134 -14.49 30.40 7.69
CA ALA E 134 -13.18 30.34 6.99
C ALA E 134 -13.45 30.23 5.48
N THR E 135 -12.51 30.72 4.67
CA THR E 135 -12.50 30.47 3.22
C THR E 135 -11.25 29.70 2.88
N CYS E 136 -11.38 28.40 2.60
CA CYS E 136 -10.26 27.51 2.24
C CYS E 136 -10.26 27.38 0.70
N ARG E 137 -9.16 27.80 0.06
CA ARG E 137 -8.97 27.71 -1.40
C ARG E 137 -8.21 26.41 -1.73
N ILE E 138 -8.78 25.60 -2.59
CA ILE E 138 -8.15 24.38 -3.17
C ILE E 138 -7.89 24.61 -4.67
N LYS E 139 -6.66 24.37 -5.09
CA LYS E 139 -6.24 24.61 -6.50
C LYS E 139 -5.97 23.27 -7.19
N ILE E 140 -6.71 22.96 -8.25
CA ILE E 140 -6.62 21.66 -8.95
C ILE E 140 -6.35 21.90 -10.44
N GLY E 141 -5.24 21.37 -10.94
CA GLY E 141 -4.90 21.46 -12.36
C GLY E 141 -4.01 20.30 -12.78
N SER E 142 -3.74 20.22 -14.07
CA SER E 142 -2.74 19.28 -14.62
C SER E 142 -1.39 19.56 -13.97
N TRP E 143 -0.67 18.50 -13.68
CA TRP E 143 0.68 18.60 -13.09
C TRP E 143 1.70 18.82 -14.22
N THR E 144 1.53 18.13 -15.36
CA THR E 144 2.59 18.09 -16.39
C THR E 144 2.13 18.66 -17.72
N HIS E 145 0.85 18.93 -17.91
CA HIS E 145 0.36 19.42 -19.23
C HIS E 145 0.02 20.89 -19.11
N HIS E 146 0.77 21.74 -19.81
CA HIS E 146 0.49 23.19 -19.89
C HIS E 146 -0.78 23.46 -20.73
N SER E 147 -1.20 24.72 -20.76
CA SER E 147 -2.49 25.25 -21.27
C SER E 147 -2.72 24.91 -22.73
N ARG E 148 -1.65 24.65 -23.50
CA ARG E 148 -1.75 24.23 -24.92
CA ARG E 148 -1.72 24.22 -24.93
C ARG E 148 -2.09 22.73 -25.07
N GLU E 149 -1.97 21.93 -24.01
CA GLU E 149 -2.28 20.47 -24.02
C GLU E 149 -3.53 20.17 -23.19
N ILE E 150 -3.66 20.82 -22.04
CA ILE E 150 -4.88 20.65 -21.21
C ILE E 150 -5.42 22.00 -20.78
N SER E 151 -6.69 22.20 -21.05
CA SER E 151 -7.47 23.34 -20.53
C SER E 151 -8.39 22.81 -19.43
N VAL E 152 -8.49 23.54 -18.35
CA VAL E 152 -9.35 23.18 -17.21
C VAL E 152 -10.48 24.18 -17.12
N ASP E 153 -11.71 23.68 -17.02
CA ASP E 153 -12.94 24.50 -16.95
C ASP E 153 -13.82 24.06 -15.79
N PRO E 154 -14.18 24.94 -14.83
CA PRO E 154 -15.19 24.54 -13.84
C PRO E 154 -16.61 24.62 -14.38
N THR E 155 -17.53 23.82 -13.81
CA THR E 155 -19.00 23.99 -13.93
C THR E 155 -19.53 24.27 -12.52
N SER E 162 -24.59 21.47 -1.02
CA SER E 162 -25.73 21.53 -0.06
C SER E 162 -26.59 20.25 -0.13
N GLU E 163 -26.91 19.83 -1.34
CA GLU E 163 -27.62 18.56 -1.61
C GLU E 163 -26.67 17.35 -1.38
N TYR E 164 -25.36 17.56 -1.37
CA TYR E 164 -24.32 16.52 -1.23
C TYR E 164 -23.72 16.49 0.19
N PHE E 165 -23.65 17.64 0.84
CA PHE E 165 -22.92 17.78 2.11
C PHE E 165 -23.62 16.99 3.21
N SER E 166 -22.84 16.23 4.00
CA SER E 166 -23.37 15.44 5.14
C SER E 166 -24.05 16.36 6.15
N GLN E 167 -25.28 16.08 6.53
CA GLN E 167 -25.96 16.88 7.58
C GLN E 167 -25.35 16.62 8.95
N TYR E 168 -24.46 15.65 9.09
CA TYR E 168 -23.94 15.19 10.40
C TYR E 168 -22.54 15.70 10.68
N SER E 169 -21.95 16.41 9.71
CA SER E 169 -20.70 17.15 9.92
C SER E 169 -20.87 18.11 11.11
N ARG E 170 -19.81 18.30 11.89
CA ARG E 170 -19.63 19.43 12.84
C ARG E 170 -19.68 20.78 12.12
N PHE E 171 -19.38 20.78 10.84
CA PHE E 171 -19.27 22.00 10.00
C PHE E 171 -20.50 22.12 9.10
N GLU E 172 -20.75 23.36 8.68
CA GLU E 172 -21.75 23.66 7.64
C GLU E 172 -21.08 24.50 6.55
N ILE E 173 -21.58 24.36 5.34
CA ILE E 173 -21.09 25.11 4.17
C ILE E 173 -21.92 26.37 4.01
N LEU E 174 -21.27 27.52 3.97
CA LEU E 174 -21.93 28.79 3.63
C LEU E 174 -21.96 28.95 2.11
N ASP E 175 -20.87 28.62 1.42
CA ASP E 175 -20.75 28.91 -0.03
C ASP E 175 -19.53 28.21 -0.66
N VAL E 176 -19.68 27.75 -1.88
CA VAL E 176 -18.61 27.15 -2.71
C VAL E 176 -18.52 27.87 -4.05
N THR E 177 -17.36 28.38 -4.38
CA THR E 177 -17.10 29.14 -5.60
C THR E 177 -16.00 28.42 -6.39
N GLN E 178 -16.20 28.18 -7.67
CA GLN E 178 -15.24 27.47 -8.54
C GLN E 178 -14.95 28.37 -9.73
N LYS E 179 -13.72 28.84 -9.81
CA LYS E 179 -13.31 29.87 -10.79
C LYS E 179 -12.07 29.33 -11.53
N LYS E 180 -12.07 29.50 -12.83
CA LYS E 180 -10.93 29.22 -13.70
C LYS E 180 -9.76 30.05 -13.20
N ASN E 181 -8.55 29.57 -13.43
CA ASN E 181 -7.33 30.30 -13.04
C ASN E 181 -6.16 29.68 -13.81
N SER E 182 -5.01 30.33 -13.75
CA SER E 182 -3.78 29.80 -14.35
C SER E 182 -2.60 30.02 -13.39
N VAL E 183 -1.69 29.06 -13.35
CA VAL E 183 -0.47 29.09 -12.52
C VAL E 183 0.73 29.22 -13.45
N THR E 184 1.67 30.11 -13.10
CA THR E 184 2.90 30.32 -13.90
C THR E 184 4.06 30.65 -12.94
N TYR E 185 5.21 30.00 -13.11
CA TYR E 185 6.36 30.28 -12.21
C TYR E 185 7.41 31.10 -12.97
N SER E 186 8.24 31.86 -12.26
CA SER E 186 9.22 32.76 -12.93
C SER E 186 10.27 31.98 -13.73
N CYS E 187 10.62 30.77 -13.31
CA CYS E 187 11.66 29.97 -13.99
C CYS E 187 11.23 29.47 -15.37
N CYS E 188 9.93 29.19 -15.58
CA CYS E 188 9.52 28.55 -16.84
C CYS E 188 8.47 29.35 -17.63
N PRO E 189 8.47 29.31 -18.97
CA PRO E 189 7.54 30.10 -19.78
C PRO E 189 6.13 29.56 -19.95
N GLU E 190 5.88 28.30 -19.59
CA GLU E 190 4.54 27.71 -19.79
C GLU E 190 3.60 27.98 -18.59
N ALA E 191 2.31 28.02 -18.91
CA ALA E 191 1.21 28.28 -17.98
C ALA E 191 0.40 26.99 -17.78
N TYR E 192 -0.03 26.74 -16.55
CA TYR E 192 -0.80 25.55 -16.16
C TYR E 192 -2.17 26.05 -15.72
N GLU E 193 -3.23 25.59 -16.39
CA GLU E 193 -4.58 25.99 -16.02
C GLU E 193 -4.97 25.24 -14.77
N ASP E 194 -5.73 25.90 -13.93
CA ASP E 194 -6.31 25.19 -12.77
C ASP E 194 -7.73 25.68 -12.51
N VAL E 195 -8.43 24.92 -11.69
CA VAL E 195 -9.66 25.40 -11.05
C VAL E 195 -9.32 25.76 -9.60
N GLU E 196 -9.79 26.92 -9.17
CA GLU E 196 -9.69 27.45 -7.80
C GLU E 196 -11.05 27.27 -7.13
N VAL E 197 -11.08 26.46 -6.09
CA VAL E 197 -12.32 26.11 -5.37
C VAL E 197 -12.25 26.80 -4.01
N SER E 198 -13.16 27.75 -3.79
CA SER E 198 -13.27 28.49 -2.52
C SER E 198 -14.35 27.88 -1.65
N LEU E 199 -13.95 27.24 -0.57
CA LEU E 199 -14.87 26.61 0.39
C LEU E 199 -15.01 27.52 1.58
N ASN E 200 -16.15 28.20 1.64
CA ASN E 200 -16.52 29.09 2.76
C ASN E 200 -17.40 28.24 3.67
N PHE E 201 -16.90 27.93 4.86
CA PHE E 201 -17.59 27.03 5.82
C PHE E 201 -17.36 27.51 7.25
N ARG E 202 -18.11 26.96 8.19
CA ARG E 202 -17.90 27.27 9.62
C ARG E 202 -18.37 26.12 10.49
N LYS E 203 -17.91 26.15 11.74
CA LYS E 203 -18.38 25.20 12.77
C LYS E 203 -19.83 25.53 13.05
N LYS E 204 -20.69 24.53 13.16
CA LYS E 204 -22.11 24.80 13.49
C LYS E 204 -22.17 25.36 14.90
N GLY E 205 -23.08 26.29 15.16
CA GLY E 205 -23.29 26.90 16.49
C GLY E 205 -24.13 25.98 17.36
N ARG E 206 -23.96 26.01 18.71
CA ARG E 206 -24.66 25.09 19.67
C ARG E 206 -23.98 25.13 21.05
C10 7IE F . 24.73 -0.18 -2.66
C9 7IE F . 26.00 0.13 -3.07
C8 7IE F . 26.56 1.29 -2.57
C7 7IE F . 25.83 2.09 -1.69
C3 7IE F . 26.14 3.14 1.29
C4 7IE F . 25.09 5.04 0.03
C5 7IE F . 25.98 6.28 0.03
C6 7IE F . 26.44 3.35 -1.14
C1 7IE F . 26.81 1.67 2.88
C2 7IE F . 25.70 3.65 2.63
CL1 7IE F . 24.00 -1.62 -3.25
N2 7IE F . 23.98 0.53 -1.78
C11 7IE F . 24.55 1.68 -1.33
N1 7IE F . 25.88 3.80 0.12
F2 7IE F . 25.23 7.41 0.08
F1 7IE F . 26.77 6.25 1.14
O2 7IE F . 26.15 2.64 3.55
C12 7IE F . 26.78 1.97 1.46
O1 7IE F . 27.34 0.75 3.46
C10 7IE G . 8.82 -21.86 6.92
C9 7IE G . 9.57 -22.98 7.33
C8 7IE G . 10.45 -22.80 8.37
C7 7IE G . 10.57 -21.56 8.97
C3 7IE G . 10.06 -21.01 12.01
C4 7IE G . 11.66 -19.26 11.30
C5 7IE G . 13.03 -19.36 11.97
C6 7IE G . 11.52 -21.41 10.12
C1 7IE G . 8.20 -21.97 12.91
C2 7IE G . 9.66 -20.24 13.22
CL1 7IE G . 7.71 -22.05 5.58
N2 7IE G . 8.89 -20.65 7.47
C11 7IE G . 9.77 -20.51 8.48
N1 7IE G . 11.02 -20.57 11.19
F2 7IE G . 13.66 -18.18 11.91
F1 7IE G . 12.87 -19.76 13.26
O2 7IE G . 8.39 -20.78 13.58
C12 7IE G . 9.26 -22.08 11.90
O1 7IE G . 7.26 -22.75 13.20
C10 7IE H . -18.31 -16.78 0.52
C9 7IE H . -19.19 -17.85 0.70
C8 7IE H . -19.36 -18.34 1.97
C7 7IE H . -18.59 -17.82 2.99
C3 7IE H . -19.85 -16.51 5.60
C4 7IE H . -17.67 -17.39 6.38
C5 7IE H . -17.93 -18.36 7.50
C6 7IE H . -18.75 -18.37 4.38
C1 7IE H . -21.69 -15.20 5.28
C2 7IE H . -19.90 -15.52 6.71
CL1 7IE H . -18.12 -16.15 -1.07
N2 7IE H . -17.56 -16.26 1.45
C11 7IE H . -17.69 -16.76 2.67
N1 7IE H . -18.80 -17.38 5.46
F2 7IE H . -16.77 -18.72 8.10
F1 7IE H . -18.71 -17.73 8.38
O2 7IE H . -21.03 -14.66 6.38
C12 7IE H . -20.94 -16.35 4.81
O1 7IE H . -22.71 -14.69 4.85
C10 7IE I . -19.35 7.97 -12.81
C9 7IE I . -20.60 8.22 -13.41
C8 7IE I . -21.67 8.39 -12.55
C7 7IE I . -21.46 8.28 -11.16
C3 7IE I . -22.06 10.41 -8.97
C4 7IE I . -22.43 8.31 -7.71
C5 7IE I . -23.92 8.05 -7.40
C6 7IE I . -22.60 8.38 -10.18
C1 7IE I . -21.74 12.54 -9.58
C2 7IE I . -21.77 11.21 -7.75
CL1 7IE I . -17.93 7.84 -13.80
N2 7IE I . -19.14 7.89 -11.55
C11 7IE I . -20.18 7.98 -10.74
N1 7IE I . -22.28 9.07 -8.95
F2 7IE I . -24.07 7.11 -6.45
F1 7IE I . -24.46 9.17 -6.92
O2 7IE I . -21.74 12.55 -8.23
C12 7IE I . -22.06 11.24 -10.04
O1 7IE I . -21.43 13.53 -10.22
C10 7IE J . 7.06 18.18 -14.98
C9 7IE J . 7.21 19.25 -15.83
C8 7IE J . 6.54 20.39 -15.51
C7 7IE J . 5.77 20.44 -14.35
C3 7IE J . 6.17 22.42 -11.99
C4 7IE J . 3.75 21.84 -11.90
C5 7IE J . 2.91 23.07 -12.25
C6 7IE J . 5.01 21.67 -13.98
C1 7IE J . 8.31 22.98 -11.49
C2 7IE J . 6.26 22.67 -10.52
CL1 7IE J . 7.90 16.71 -15.34
N2 7IE J . 6.34 18.18 -13.83
C11 7IE J . 5.71 19.30 -13.53
N1 7IE J . 5.05 21.92 -12.57
F2 7IE J . 1.68 23.00 -11.74
F1 7IE J . 3.53 24.09 -11.71
O2 7IE J . 7.67 23.04 -10.31
C12 7IE J . 7.38 22.68 -12.55
O1 7IE J . 9.49 23.12 -11.49
#